data_7T5Y
#
_entry.id   7T5Y
#
_cell.length_a   104.046
_cell.length_b   169.328
_cell.length_c   129.970
_cell.angle_alpha   90.000
_cell.angle_beta   90.000
_cell.angle_gamma   90.000
#
_symmetry.space_group_name_H-M   'C 2 2 21'
#
loop_
_entity.id
_entity.type
_entity.pdbx_description
1 polymer 'Dihydroorotate dehydrogenase (quinone)'
2 non-polymer 3-methyl-2-[(2E)-non-2-en-1-yl]quinolin-4(1H)-one
3 non-polymer 'PHOSPHATE ION'
4 non-polymer 'OROTIC ACID'
5 non-polymer 'FLAVIN MONONUCLEOTIDE'
6 water water
#
_entity_poly.entity_id   1
_entity_poly.type   'polypeptide(L)'
_entity_poly.pdbx_seq_one_letter_code
;HHHHHHSSGLVPRGSHMASMTGGQQMGRGSEFMYYPFVRKALFQLDPERAHEFTFQQLRRITGTPFEALVRQKVPAKPVN
CMGLTFKNPLGLAAGLDKDGECIDALGAMGFGSIEIGTVTPRPQPGNDKPRLFRLVDAEGLINRMGFNNLGVDNLVENVK
KAHYDGVLGINIGKNKDTPVEQGKDDYLICMEKIYAYAGYIAINISSPNTPGLRTLQYGEALDDLLTAIKNKQNDLQAMH
HKYVPIAVKIAPDLSEEELIQVADSLVRHNIDGVIATNTTLDRSLVQGMKNCDQTGGLSGRPLQLKSTEIIRRLSLELNG
RLPIIGVGGIDSVIAAREKIAAGASLVQIYSGFIFKGPPLIKEIVTHI
;
_entity_poly.pdbx_strand_id   A,B
#
loop_
_chem_comp.id
_chem_comp.type
_chem_comp.name
_chem_comp.formula
F2D non-polymer 3-methyl-2-[(2E)-non-2-en-1-yl]quinolin-4(1H)-one 'C19 H25 N O'
FMN non-polymer 'FLAVIN MONONUCLEOTIDE' 'C17 H21 N4 O9 P'
ORO non-polymer 'OROTIC ACID' 'C5 H4 N2 O4'
PO4 non-polymer 'PHOSPHATE ION' 'O4 P -3'
#
# COMPACT_ATOMS: atom_id res chain seq x y z
N MET A 33 8.26 -19.47 17.43
CA MET A 33 6.89 -19.01 17.18
C MET A 33 6.88 -17.59 16.55
N TYR A 34 7.81 -16.73 16.97
CA TYR A 34 7.85 -15.36 16.44
C TYR A 34 8.32 -15.37 14.98
N TYR A 35 7.45 -14.93 14.06
CA TYR A 35 7.69 -15.15 12.64
C TYR A 35 8.95 -14.46 12.11
N PRO A 36 9.24 -13.19 12.45
CA PRO A 36 10.39 -12.53 11.82
C PRO A 36 11.68 -13.27 12.04
N PHE A 37 11.82 -14.02 13.14
CA PHE A 37 12.98 -14.87 13.32
C PHE A 37 12.90 -16.10 12.42
N VAL A 38 11.74 -16.76 12.42
CA VAL A 38 11.50 -17.85 11.47
C VAL A 38 11.83 -17.41 10.06
N ARG A 39 11.33 -16.24 9.65
CA ARG A 39 11.62 -15.74 8.32
C ARG A 39 13.13 -15.58 8.08
N LYS A 40 13.85 -14.93 9.01
CA LYS A 40 15.29 -14.75 8.80
C LYS A 40 15.98 -16.09 8.56
N ALA A 41 15.66 -17.09 9.38
CA ALA A 41 16.25 -18.42 9.19
C ALA A 41 15.93 -18.96 7.81
N LEU A 42 14.65 -18.93 7.43
CA LEU A 42 14.25 -19.58 6.18
C LEU A 42 14.82 -18.85 4.98
N PHE A 43 14.96 -17.52 5.07
CA PHE A 43 15.53 -16.77 3.96
C PHE A 43 17.02 -17.06 3.77
N GLN A 44 17.63 -17.85 4.65
CA GLN A 44 18.98 -18.30 4.35
C GLN A 44 19.00 -19.35 3.27
N LEU A 45 17.85 -20.00 3.02
CA LEU A 45 17.67 -20.94 1.94
C LEU A 45 17.09 -20.25 0.71
N ASP A 46 17.43 -20.80 -0.45
CA ASP A 46 16.86 -20.28 -1.69
C ASP A 46 15.35 -20.52 -1.66
N PRO A 47 14.59 -19.67 -2.34
CA PRO A 47 13.12 -19.68 -2.16
C PRO A 47 12.51 -21.04 -2.33
N GLU A 48 12.89 -21.78 -3.37
CA GLU A 48 12.28 -23.07 -3.60
C GLU A 48 12.58 -24.03 -2.46
N ARG A 49 13.82 -24.03 -1.97
CA ARG A 49 14.18 -24.93 -0.89
C ARG A 49 13.53 -24.52 0.43
N ALA A 50 13.49 -23.22 0.72
CA ALA A 50 12.78 -22.76 1.91
C ALA A 50 11.36 -23.32 1.93
N HIS A 51 10.67 -23.21 0.80
CA HIS A 51 9.32 -23.75 0.68
C HIS A 51 9.28 -25.25 0.91
N GLU A 52 10.15 -25.99 0.23
CA GLU A 52 10.20 -27.45 0.36
C GLU A 52 10.46 -27.84 1.81
N PHE A 53 11.42 -27.16 2.45
CA PHE A 53 11.69 -27.43 3.85
C PHE A 53 10.47 -27.14 4.72
N THR A 54 9.82 -26.01 4.50
CA THR A 54 8.64 -25.68 5.29
C THR A 54 7.56 -26.74 5.09
N PHE A 55 7.29 -27.12 3.85
CA PHE A 55 6.20 -28.05 3.60
C PHE A 55 6.50 -29.42 4.16
N GLN A 56 7.75 -29.87 4.04
CA GLN A 56 8.15 -31.09 4.70
C GLN A 56 7.75 -31.09 6.18
N GLN A 57 7.99 -29.99 6.90
CA GLN A 57 7.65 -29.97 8.33
C GLN A 57 6.15 -29.95 8.54
N LEU A 58 5.43 -29.16 7.74
CA LEU A 58 3.97 -29.17 7.84
C LEU A 58 3.42 -30.57 7.64
N ARG A 59 3.75 -31.20 6.51
CA ARG A 59 3.42 -32.61 6.31
C ARG A 59 3.76 -33.46 7.54
N ARG A 60 4.93 -33.22 8.14
CA ARG A 60 5.37 -34.10 9.24
C ARG A 60 4.51 -33.93 10.49
N ILE A 61 4.00 -32.72 10.75
CA ILE A 61 3.21 -32.50 11.96
C ILE A 61 1.70 -32.58 11.71
N THR A 62 1.27 -32.89 10.50
CA THR A 62 -0.15 -33.09 10.23
C THR A 62 -0.61 -34.40 10.85
N GLY A 63 -1.65 -34.31 11.68
CA GLY A 63 -2.13 -35.45 12.41
C GLY A 63 -1.41 -35.76 13.71
N THR A 64 -0.69 -34.81 14.26
CA THR A 64 0.08 -34.95 15.52
C THR A 64 -0.33 -33.86 16.46
N PRO A 65 0.06 -33.99 17.74
CA PRO A 65 -0.15 -32.89 18.67
C PRO A 65 0.75 -31.70 18.43
N PHE A 66 1.65 -31.80 17.46
CA PHE A 66 2.45 -30.66 17.04
C PHE A 66 1.77 -29.86 15.94
N GLU A 67 0.57 -30.29 15.49
CA GLU A 67 -0.24 -29.49 14.59
C GLU A 67 -0.70 -28.19 15.24
N ALA A 68 -0.58 -28.08 16.54
CA ALA A 68 -0.98 -26.88 17.25
C ALA A 68 0.14 -25.86 17.27
N LEU A 69 1.37 -26.28 16.97
CA LEU A 69 2.43 -25.32 16.78
C LEU A 69 2.04 -24.28 15.73
N VAL A 70 1.13 -24.62 14.82
CA VAL A 70 0.66 -23.69 13.81
C VAL A 70 -0.81 -23.36 13.93
N ARG A 71 -1.65 -24.13 14.63
CA ARG A 71 -3.05 -23.74 14.71
C ARG A 71 -3.12 -22.34 15.26
N GLN A 72 -4.03 -21.54 14.71
CA GLN A 72 -4.32 -20.19 15.17
C GLN A 72 -5.82 -20.05 15.36
N LYS A 73 -6.23 -19.47 16.46
CA LYS A 73 -7.65 -19.18 16.63
C LYS A 73 -7.92 -17.82 16.00
N VAL A 74 -8.83 -17.77 15.03
CA VAL A 74 -9.25 -16.52 14.41
C VAL A 74 -10.75 -16.35 14.53
N PRO A 75 -11.24 -15.11 14.66
CA PRO A 75 -12.69 -14.91 14.77
C PRO A 75 -13.43 -15.41 13.53
N ALA A 76 -14.58 -16.03 13.75
CA ALA A 76 -15.39 -16.42 12.62
C ALA A 76 -15.94 -15.17 11.95
N LYS A 77 -15.86 -15.10 10.63
CA LYS A 77 -16.41 -13.95 9.87
C LYS A 77 -17.11 -14.49 8.63
N PRO A 78 -18.22 -15.24 8.76
CA PRO A 78 -18.82 -15.89 7.61
C PRO A 78 -19.31 -14.98 6.47
N VAL A 79 -18.94 -15.31 5.24
CA VAL A 79 -19.35 -14.50 4.05
C VAL A 79 -19.88 -15.48 3.01
N ASN A 80 -21.02 -15.17 2.38
CA ASN A 80 -21.53 -16.02 1.29
C ASN A 80 -20.98 -15.49 -0.02
N CYS A 81 -20.42 -16.37 -0.85
CA CYS A 81 -19.85 -15.94 -2.11
C CYS A 81 -19.93 -17.07 -3.11
N MET A 82 -20.42 -16.76 -4.31
CA MET A 82 -20.56 -17.78 -5.34
C MET A 82 -21.45 -18.95 -4.85
N GLY A 83 -22.39 -18.66 -3.95
CA GLY A 83 -23.26 -19.68 -3.43
C GLY A 83 -22.62 -20.60 -2.42
N LEU A 84 -21.43 -20.28 -1.94
CA LEU A 84 -20.76 -21.02 -0.89
C LEU A 84 -20.62 -20.12 0.34
N THR A 85 -20.37 -20.77 1.48
CA THR A 85 -20.20 -20.06 2.74
C THR A 85 -18.76 -20.22 3.22
N PHE A 86 -18.03 -19.12 3.22
CA PHE A 86 -16.63 -19.12 3.59
C PHE A 86 -16.53 -18.80 5.07
N LYS A 87 -15.65 -19.52 5.79
CA LYS A 87 -15.47 -19.24 7.22
C LYS A 87 -15.23 -17.75 7.42
N ASN A 88 -14.25 -17.21 6.70
CA ASN A 88 -13.91 -15.81 6.71
C ASN A 88 -13.62 -15.39 5.28
N PRO A 89 -13.33 -14.12 5.03
CA PRO A 89 -13.09 -13.66 3.66
C PRO A 89 -11.68 -13.87 3.13
N LEU A 90 -10.77 -14.51 3.86
CA LEU A 90 -9.35 -14.57 3.50
C LEU A 90 -8.96 -15.95 3.02
N GLY A 91 -8.51 -16.03 1.77
CA GLY A 91 -8.03 -17.30 1.22
C GLY A 91 -6.54 -17.36 0.99
N LEU A 92 -6.01 -18.57 0.96
CA LEU A 92 -4.66 -18.79 0.52
C LEU A 92 -4.67 -18.84 -1.00
N ALA A 93 -3.92 -17.98 -1.66
CA ALA A 93 -3.99 -18.02 -3.11
C ALA A 93 -3.27 -19.26 -3.66
N ALA A 94 -3.66 -19.63 -4.87
CA ALA A 94 -3.03 -20.74 -5.55
C ALA A 94 -1.52 -20.53 -5.70
N GLY A 95 -0.81 -21.64 -5.84
CA GLY A 95 0.63 -21.64 -6.04
C GLY A 95 1.39 -22.10 -4.83
N LEU A 96 0.92 -21.78 -3.64
CA LEU A 96 1.61 -22.25 -2.46
C LEU A 96 1.52 -23.77 -2.34
N ASP A 97 0.31 -24.31 -2.33
CA ASP A 97 0.12 -25.76 -2.28
C ASP A 97 -0.34 -26.25 -3.65
N LYS A 98 0.63 -26.40 -4.56
CA LYS A 98 0.30 -26.80 -5.93
C LYS A 98 -0.37 -28.17 -5.97
N ASP A 99 0.08 -29.10 -5.14
CA ASP A 99 -0.40 -30.49 -5.17
C ASP A 99 -1.40 -30.83 -4.07
N GLY A 100 -1.86 -29.85 -3.29
CA GLY A 100 -2.76 -30.13 -2.19
C GLY A 100 -2.19 -31.03 -1.11
N GLU A 101 -0.89 -30.89 -0.80
CA GLU A 101 -0.24 -31.78 0.15
C GLU A 101 -0.39 -31.35 1.60
N CYS A 102 -0.80 -30.11 1.87
CA CYS A 102 -0.81 -29.56 3.22
C CYS A 102 -2.09 -28.83 3.52
N ILE A 103 -3.21 -29.31 3.00
CA ILE A 103 -4.48 -28.64 3.26
C ILE A 103 -4.73 -28.54 4.77
N ASP A 104 -4.63 -29.65 5.48
CA ASP A 104 -5.00 -29.63 6.88
C ASP A 104 -4.15 -28.64 7.67
N ALA A 105 -2.83 -28.63 7.43
CA ALA A 105 -1.96 -27.75 8.21
C ALA A 105 -2.19 -26.29 7.84
N LEU A 106 -2.24 -25.99 6.54
CA LEU A 106 -2.51 -24.61 6.13
C LEU A 106 -3.87 -24.16 6.65
N GLY A 107 -4.86 -25.07 6.66
CA GLY A 107 -6.17 -24.69 7.16
C GLY A 107 -6.15 -24.37 8.65
N ALA A 108 -5.39 -25.15 9.43
CA ALA A 108 -5.27 -24.87 10.86
C ALA A 108 -4.82 -23.44 11.14
N MET A 109 -4.20 -22.78 10.17
CA MET A 109 -3.68 -21.44 10.42
C MET A 109 -4.75 -20.37 10.36
N GLY A 110 -5.95 -20.68 9.90
CA GLY A 110 -7.07 -19.75 9.96
C GLY A 110 -7.64 -19.30 8.62
N PHE A 111 -7.10 -19.74 7.49
CA PHE A 111 -7.68 -19.37 6.21
C PHE A 111 -9.16 -19.77 6.13
N GLY A 112 -9.97 -18.87 5.56
CA GLY A 112 -11.36 -19.19 5.33
C GLY A 112 -11.54 -20.12 4.15
N SER A 113 -10.63 -20.06 3.18
CA SER A 113 -10.64 -20.90 2.00
C SER A 113 -9.20 -21.16 1.63
N ILE A 114 -8.96 -22.27 0.94
CA ILE A 114 -7.64 -22.67 0.48
C ILE A 114 -7.77 -22.97 -1.00
N GLU A 115 -6.98 -22.28 -1.83
CA GLU A 115 -6.94 -22.57 -3.27
C GLU A 115 -5.65 -23.34 -3.54
N ILE A 116 -5.78 -24.64 -3.82
CA ILE A 116 -4.67 -25.50 -4.25
C ILE A 116 -4.61 -25.54 -5.78
N GLY A 117 -3.50 -26.04 -6.31
CA GLY A 117 -3.15 -25.86 -7.71
C GLY A 117 -2.20 -24.69 -7.86
N THR A 118 -1.86 -24.37 -9.11
CA THR A 118 -2.48 -24.92 -10.31
C THR A 118 -2.07 -26.38 -10.59
N VAL A 119 -3.00 -27.25 -11.00
CA VAL A 119 -2.62 -28.55 -11.56
C VAL A 119 -2.95 -28.59 -13.03
N THR A 120 -2.25 -29.46 -13.74
CA THR A 120 -2.48 -29.80 -15.12
C THR A 120 -2.90 -31.26 -15.22
N PRO A 121 -3.51 -31.69 -16.34
CA PRO A 121 -3.92 -33.10 -16.44
C PRO A 121 -2.75 -34.06 -16.22
N ARG A 122 -1.74 -34.02 -17.12
CA ARG A 122 -0.53 -34.81 -16.92
C ARG A 122 0.39 -34.07 -15.96
N PRO A 123 1.17 -34.80 -15.15
CA PRO A 123 2.27 -34.15 -14.43
C PRO A 123 3.27 -33.55 -15.40
N GLN A 124 4.02 -32.58 -14.89
CA GLN A 124 5.03 -31.89 -15.67
C GLN A 124 5.94 -31.14 -14.71
N PRO A 125 7.21 -30.95 -15.07
CA PRO A 125 8.20 -30.41 -14.12
C PRO A 125 8.30 -28.89 -14.04
N GLY A 126 7.65 -28.16 -14.93
CA GLY A 126 7.80 -26.71 -14.96
C GLY A 126 9.18 -26.30 -15.46
N ASN A 127 9.39 -25.00 -15.46
CA ASN A 127 10.59 -24.40 -16.03
C ASN A 127 11.81 -24.74 -15.19
N ASP A 128 12.97 -24.42 -15.77
CA ASP A 128 14.26 -24.77 -15.19
C ASP A 128 14.58 -23.87 -14.02
N LYS A 129 15.14 -24.46 -12.98
CA LYS A 129 15.70 -23.65 -11.92
C LYS A 129 16.94 -22.93 -12.46
N PRO A 130 17.26 -21.74 -11.93
CA PRO A 130 16.49 -21.09 -10.87
C PRO A 130 15.27 -20.40 -11.47
N ARG A 131 14.13 -20.49 -10.77
CA ARG A 131 12.88 -20.00 -11.33
C ARG A 131 12.06 -19.19 -10.34
N LEU A 132 12.61 -18.88 -9.17
CA LEU A 132 11.86 -18.21 -8.11
C LEU A 132 12.83 -17.32 -7.34
N PHE A 133 12.45 -16.07 -7.12
CA PHE A 133 13.37 -15.05 -6.62
C PHE A 133 12.67 -14.14 -5.63
N ARG A 134 13.32 -13.88 -4.51
CA ARG A 134 12.81 -12.94 -3.54
C ARG A 134 13.31 -11.54 -3.88
N LEU A 135 12.44 -10.56 -3.70
CA LEU A 135 12.83 -9.16 -3.69
C LEU A 135 12.55 -8.65 -2.29
N VAL A 136 13.51 -8.82 -1.38
CA VAL A 136 13.24 -8.67 0.04
C VAL A 136 12.98 -7.21 0.41
N ASP A 137 13.64 -6.26 -0.24
CA ASP A 137 13.35 -4.87 0.08
C ASP A 137 12.00 -4.44 -0.46
N ALA A 138 11.59 -5.03 -1.58
CA ALA A 138 10.28 -4.77 -2.13
C ALA A 138 9.20 -5.61 -1.47
N GLU A 139 9.55 -6.56 -0.60
CA GLU A 139 8.58 -7.51 -0.09
C GLU A 139 7.79 -8.10 -1.25
N GLY A 140 8.51 -8.37 -2.35
CA GLY A 140 7.91 -8.90 -3.55
C GLY A 140 8.59 -10.21 -3.94
N LEU A 141 8.00 -10.88 -4.94
CA LEU A 141 8.56 -12.10 -5.53
C LEU A 141 8.46 -12.03 -7.04
N ILE A 142 9.34 -12.76 -7.72
CA ILE A 142 9.23 -13.06 -9.15
C ILE A 142 9.31 -14.56 -9.32
N ASN A 143 8.47 -15.10 -10.19
CA ASN A 143 8.50 -16.54 -10.40
C ASN A 143 8.17 -16.85 -11.85
N ARG A 144 8.77 -17.93 -12.33
CA ARG A 144 8.42 -18.52 -13.61
C ARG A 144 8.30 -20.03 -13.46
N MET A 145 7.59 -20.46 -12.41
CA MET A 145 7.51 -21.87 -12.06
C MET A 145 7.10 -22.73 -13.26
N GLY A 146 6.13 -22.27 -14.05
CA GLY A 146 5.66 -23.03 -15.22
C GLY A 146 4.76 -24.20 -14.88
N PHE A 147 3.87 -24.04 -13.91
CA PHE A 147 2.95 -25.12 -13.46
C PHE A 147 3.75 -26.36 -13.06
N ASN A 148 4.65 -26.24 -12.10
CA ASN A 148 5.36 -27.43 -11.59
C ASN A 148 4.37 -28.21 -10.71
N ASN A 149 3.95 -29.39 -11.14
CA ASN A 149 2.93 -30.10 -10.37
C ASN A 149 2.88 -31.57 -10.74
N LEU A 150 2.36 -32.38 -9.80
CA LEU A 150 2.26 -33.83 -9.96
C LEU A 150 1.04 -34.29 -10.75
N GLY A 151 0.15 -33.39 -11.13
CA GLY A 151 -0.94 -33.81 -11.98
C GLY A 151 -2.25 -33.99 -11.24
N VAL A 152 -3.35 -33.83 -11.97
CA VAL A 152 -4.67 -33.73 -11.35
C VAL A 152 -5.04 -35.01 -10.62
N ASP A 153 -4.58 -36.16 -11.08
CA ASP A 153 -4.97 -37.38 -10.36
C ASP A 153 -4.30 -37.47 -9.00
N ASN A 154 -3.03 -37.03 -8.91
CA ASN A 154 -2.32 -37.09 -7.63
C ASN A 154 -3.00 -36.18 -6.62
N LEU A 155 -3.47 -35.03 -7.09
CA LEU A 155 -4.09 -34.06 -6.19
C LEU A 155 -5.40 -34.59 -5.62
N VAL A 156 -6.28 -35.17 -6.47
CA VAL A 156 -7.56 -35.65 -5.95
C VAL A 156 -7.31 -36.67 -4.86
N GLU A 157 -6.23 -37.44 -4.96
CA GLU A 157 -5.91 -38.39 -3.90
C GLU A 157 -5.53 -37.67 -2.60
N ASN A 158 -4.74 -36.59 -2.72
CA ASN A 158 -4.46 -35.77 -1.54
C ASN A 158 -5.74 -35.18 -0.98
N VAL A 159 -6.58 -34.64 -1.85
CA VAL A 159 -7.81 -33.98 -1.41
C VAL A 159 -8.68 -34.94 -0.61
N LYS A 160 -8.71 -36.22 -1.03
CA LYS A 160 -9.53 -37.21 -0.34
C LYS A 160 -9.09 -37.40 1.09
N LYS A 161 -7.80 -37.25 1.38
CA LYS A 161 -7.28 -37.43 2.72
C LYS A 161 -7.39 -36.17 3.58
N ALA A 162 -8.01 -35.10 3.07
CA ALA A 162 -7.99 -33.84 3.79
C ALA A 162 -9.21 -33.71 4.71
N HIS A 163 -9.07 -32.87 5.73
CA HIS A 163 -10.09 -32.71 6.77
C HIS A 163 -10.43 -31.24 6.99
N TYR A 164 -10.29 -30.45 5.94
CA TYR A 164 -10.43 -29.01 6.04
C TYR A 164 -11.90 -28.61 6.00
N ASP A 165 -12.34 -27.85 7.01
CA ASP A 165 -13.73 -27.43 7.12
C ASP A 165 -14.01 -26.11 6.41
N GLY A 166 -13.05 -25.59 5.66
CA GLY A 166 -13.25 -24.38 4.89
C GLY A 166 -13.51 -24.70 3.43
N VAL A 167 -13.65 -23.63 2.64
CA VAL A 167 -13.93 -23.75 1.22
C VAL A 167 -12.63 -24.13 0.53
N LEU A 168 -12.64 -25.23 -0.22
CA LEU A 168 -11.47 -25.71 -0.95
C LEU A 168 -11.55 -25.28 -2.42
N GLY A 169 -10.73 -24.30 -2.79
CA GLY A 169 -10.57 -24.00 -4.20
C GLY A 169 -9.61 -24.95 -4.87
N ILE A 170 -9.82 -25.20 -6.16
CA ILE A 170 -8.94 -26.07 -6.90
C ILE A 170 -8.66 -25.43 -8.24
N ASN A 171 -7.39 -25.12 -8.49
CA ASN A 171 -6.95 -24.31 -9.61
C ASN A 171 -6.37 -25.20 -10.70
N ILE A 172 -6.86 -25.05 -11.94
CA ILE A 172 -6.44 -25.93 -13.02
C ILE A 172 -5.90 -25.10 -14.19
N GLY A 173 -5.01 -25.71 -14.97
CA GLY A 173 -4.38 -25.04 -16.10
C GLY A 173 -4.05 -25.98 -17.24
N LYS A 174 -3.33 -25.51 -18.25
CA LYS A 174 -2.98 -26.27 -19.45
C LYS A 174 -1.59 -26.88 -19.31
N ASN A 175 -1.46 -28.15 -19.68
CA ASN A 175 -0.12 -28.73 -19.85
C ASN A 175 0.68 -27.95 -20.90
N LYS A 176 1.99 -27.84 -20.68
CA LYS A 176 2.80 -27.02 -21.60
C LYS A 176 2.66 -27.50 -23.05
N ASP A 177 2.77 -28.80 -23.28
CA ASP A 177 2.80 -29.28 -24.65
C ASP A 177 1.44 -29.18 -25.33
N THR A 178 0.37 -29.12 -24.57
CA THR A 178 -0.95 -28.99 -25.17
C THR A 178 -1.04 -27.69 -25.97
N PRO A 179 -1.51 -27.74 -27.22
CA PRO A 179 -1.62 -26.51 -28.03
C PRO A 179 -2.58 -25.51 -27.41
N VAL A 180 -2.30 -24.23 -27.64
CA VAL A 180 -3.13 -23.17 -27.04
C VAL A 180 -4.56 -23.27 -27.52
N GLU A 181 -4.77 -23.54 -28.80
CA GLU A 181 -6.13 -23.62 -29.33
C GLU A 181 -6.89 -24.83 -28.81
N GLN A 182 -6.18 -25.83 -28.30
CA GLN A 182 -6.79 -27.01 -27.71
C GLN A 182 -6.71 -26.99 -26.19
N GLY A 183 -6.30 -25.85 -25.60
CA GLY A 183 -6.11 -25.82 -24.16
C GLY A 183 -7.35 -26.18 -23.39
N LYS A 184 -8.52 -25.84 -23.92
CA LYS A 184 -9.76 -26.07 -23.18
C LYS A 184 -9.90 -27.56 -22.83
N ASP A 185 -9.44 -28.43 -23.72
CA ASP A 185 -9.57 -29.85 -23.42
C ASP A 185 -8.92 -30.18 -22.08
N ASP A 186 -7.74 -29.62 -21.85
CA ASP A 186 -7.00 -29.91 -20.62
C ASP A 186 -7.76 -29.41 -19.39
N TYR A 187 -8.38 -28.23 -19.50
CA TYR A 187 -9.21 -27.75 -18.40
C TYR A 187 -10.41 -28.67 -18.16
N LEU A 188 -11.03 -29.12 -19.25
CA LEU A 188 -12.22 -29.96 -19.13
C LEU A 188 -11.88 -31.31 -18.51
N ILE A 189 -10.78 -31.92 -18.97
CA ILE A 189 -10.30 -33.16 -18.37
C ILE A 189 -10.22 -33.00 -16.85
N CYS A 190 -9.60 -31.90 -16.42
CA CYS A 190 -9.44 -31.67 -14.99
C CYS A 190 -10.80 -31.53 -14.31
N MET A 191 -11.67 -30.68 -14.85
CA MET A 191 -12.98 -30.52 -14.22
C MET A 191 -13.63 -31.87 -13.96
N GLU A 192 -13.52 -32.79 -14.93
CA GLU A 192 -14.14 -34.10 -14.75
C GLU A 192 -13.65 -34.81 -13.50
N LYS A 193 -12.33 -34.74 -13.22
CA LYS A 193 -11.75 -35.48 -12.10
C LYS A 193 -11.87 -34.77 -10.76
N ILE A 194 -12.05 -33.45 -10.76
CA ILE A 194 -12.09 -32.66 -9.52
C ILE A 194 -13.51 -32.25 -9.12
N TYR A 195 -14.51 -32.40 -10.00
CA TYR A 195 -15.82 -31.88 -9.68
C TYR A 195 -16.36 -32.49 -8.39
N ALA A 196 -16.23 -33.81 -8.23
CA ALA A 196 -16.73 -34.43 -7.01
C ALA A 196 -16.17 -33.76 -5.76
N TYR A 197 -14.94 -33.22 -5.82
CA TYR A 197 -14.21 -32.83 -4.63
C TYR A 197 -13.99 -31.32 -4.48
N ALA A 198 -14.05 -30.55 -5.55
CA ALA A 198 -13.78 -29.12 -5.41
C ALA A 198 -14.92 -28.41 -4.69
N GLY A 199 -14.56 -27.44 -3.86
CA GLY A 199 -15.54 -26.50 -3.35
C GLY A 199 -15.88 -25.46 -4.40
N TYR A 200 -14.87 -24.85 -5.02
CA TYR A 200 -15.02 -24.18 -6.31
C TYR A 200 -13.83 -24.54 -7.18
N ILE A 201 -13.95 -24.23 -8.47
CA ILE A 201 -12.92 -24.48 -9.45
C ILE A 201 -12.44 -23.15 -10.00
N ALA A 202 -11.11 -22.99 -10.03
CA ALA A 202 -10.45 -21.81 -10.57
C ALA A 202 -9.79 -22.16 -11.90
N ILE A 203 -10.07 -21.36 -12.93
CA ILE A 203 -9.48 -21.49 -14.25
C ILE A 203 -8.31 -20.51 -14.35
N ASN A 204 -7.09 -21.04 -14.49
CA ASN A 204 -5.88 -20.22 -14.61
C ASN A 204 -5.53 -19.97 -16.07
N ILE A 205 -5.94 -18.82 -16.59
CA ILE A 205 -5.54 -18.42 -17.95
C ILE A 205 -4.66 -17.17 -17.91
N SER A 206 -3.93 -16.99 -16.79
CA SER A 206 -3.19 -15.74 -16.53
C SER A 206 -1.72 -15.96 -16.14
N SER A 207 -1.23 -17.19 -16.18
CA SER A 207 0.19 -17.44 -15.93
C SER A 207 1.03 -16.85 -17.06
N PRO A 208 2.01 -16.01 -16.76
CA PRO A 208 2.96 -15.56 -17.78
C PRO A 208 4.05 -16.58 -18.08
N ASN A 209 3.98 -17.74 -17.44
CA ASN A 209 5.03 -18.75 -17.51
C ASN A 209 4.71 -19.96 -18.38
N THR A 210 3.53 -20.01 -18.98
CA THR A 210 3.23 -21.00 -19.99
C THR A 210 2.98 -20.30 -21.31
N PRO A 211 3.76 -20.60 -22.35
CA PRO A 211 3.68 -19.84 -23.61
C PRO A 211 2.26 -19.74 -24.15
N GLY A 212 1.91 -18.53 -24.60
CA GLY A 212 0.60 -18.25 -25.15
C GLY A 212 -0.58 -18.33 -24.21
N LEU A 213 -0.43 -18.91 -23.01
CA LEU A 213 -1.61 -19.14 -22.17
C LEU A 213 -2.47 -17.88 -22.03
N ARG A 214 -1.84 -16.73 -21.80
CA ARG A 214 -2.62 -15.54 -21.54
C ARG A 214 -3.49 -15.14 -22.71
N THR A 215 -3.25 -15.70 -23.90
CA THR A 215 -4.10 -15.39 -25.05
C THR A 215 -5.50 -15.99 -24.92
N LEU A 216 -5.67 -17.04 -24.11
CA LEU A 216 -7.03 -17.51 -23.88
C LEU A 216 -7.88 -16.46 -23.18
N GLN A 217 -7.29 -15.36 -22.74
CA GLN A 217 -8.07 -14.29 -22.12
C GLN A 217 -8.72 -13.35 -23.13
N TYR A 218 -8.58 -13.61 -24.44
CA TYR A 218 -8.94 -12.65 -25.47
C TYR A 218 -9.94 -13.24 -26.46
N GLY A 219 -10.85 -12.38 -26.91
CA GLY A 219 -11.75 -12.66 -28.03
C GLY A 219 -12.44 -14.01 -28.09
N GLU A 220 -12.40 -14.61 -29.30
CA GLU A 220 -13.10 -15.87 -29.56
C GLU A 220 -12.52 -17.02 -28.75
N ALA A 221 -11.28 -16.87 -28.29
CA ALA A 221 -10.64 -17.90 -27.48
C ALA A 221 -11.26 -17.93 -26.08
N LEU A 222 -11.29 -16.77 -25.41
CA LEU A 222 -12.02 -16.69 -24.15
C LEU A 222 -13.44 -17.19 -24.33
N ASP A 223 -14.11 -16.68 -25.35
CA ASP A 223 -15.52 -17.09 -25.60
C ASP A 223 -15.61 -18.61 -25.73
N ASP A 224 -14.77 -19.21 -26.58
CA ASP A 224 -14.80 -20.67 -26.80
C ASP A 224 -14.53 -21.41 -25.50
N LEU A 225 -13.45 -21.02 -24.80
CA LEU A 225 -13.07 -21.73 -23.55
C LEU A 225 -14.24 -21.65 -22.58
N LEU A 226 -14.78 -20.46 -22.39
CA LEU A 226 -15.85 -20.28 -21.39
C LEU A 226 -17.07 -21.11 -21.80
N THR A 227 -17.36 -21.21 -23.09
CA THR A 227 -18.46 -22.06 -23.53
C THR A 227 -18.19 -23.51 -23.14
N ALA A 228 -17.06 -24.05 -23.58
CA ALA A 228 -16.78 -25.44 -23.26
C ALA A 228 -16.79 -25.66 -21.76
N ILE A 229 -16.25 -24.71 -21.00
CA ILE A 229 -16.14 -24.89 -19.52
C ILE A 229 -17.55 -24.88 -18.91
N LYS A 230 -18.41 -23.99 -19.35
CA LYS A 230 -19.76 -23.86 -18.75
C LYS A 230 -20.62 -25.05 -19.19
N ASN A 231 -20.41 -25.55 -20.40
CA ASN A 231 -21.17 -26.75 -20.85
C ASN A 231 -20.67 -27.95 -20.04
N LYS A 232 -19.36 -28.05 -19.81
CA LYS A 232 -18.90 -29.13 -18.95
C LYS A 232 -19.50 -29.01 -17.55
N GLN A 233 -19.58 -27.79 -17.04
CA GLN A 233 -20.22 -27.59 -15.76
C GLN A 233 -21.62 -28.18 -15.77
N ASN A 234 -22.37 -27.92 -16.85
CA ASN A 234 -23.75 -28.38 -16.92
C ASN A 234 -23.81 -29.90 -16.99
N ASP A 235 -22.96 -30.52 -17.80
CA ASP A 235 -22.95 -31.97 -17.85
C ASP A 235 -22.53 -32.55 -16.50
N LEU A 236 -21.57 -31.91 -15.82
CA LEU A 236 -21.10 -32.45 -14.56
C LEU A 236 -22.11 -32.25 -13.45
N GLN A 237 -22.82 -31.13 -13.45
CA GLN A 237 -23.88 -30.93 -12.46
C GLN A 237 -24.96 -31.99 -12.59
N ALA A 238 -25.36 -32.29 -13.84
CA ALA A 238 -26.35 -33.33 -14.08
C ALA A 238 -25.83 -34.69 -13.63
N MET A 239 -24.53 -34.93 -13.79
CA MET A 239 -23.97 -36.23 -13.46
C MET A 239 -23.66 -36.39 -11.98
N HIS A 240 -23.46 -35.29 -11.24
CA HIS A 240 -23.15 -35.38 -9.82
C HIS A 240 -24.22 -34.77 -8.92
N HIS A 241 -25.21 -34.11 -9.50
CA HIS A 241 -26.33 -33.56 -8.71
C HIS A 241 -25.85 -32.50 -7.71
N LYS A 242 -24.97 -31.62 -8.17
CA LYS A 242 -24.58 -30.48 -7.35
C LYS A 242 -23.87 -29.49 -8.26
N TYR A 243 -23.99 -28.21 -7.90
CA TYR A 243 -23.42 -27.12 -8.69
C TYR A 243 -22.11 -26.69 -8.02
N VAL A 244 -21.00 -26.88 -8.73
CA VAL A 244 -19.67 -26.41 -8.30
C VAL A 244 -19.38 -25.16 -9.06
N PRO A 245 -19.32 -23.98 -8.44
CA PRO A 245 -19.07 -22.74 -9.16
C PRO A 245 -17.65 -22.65 -9.70
N ILE A 246 -17.50 -21.81 -10.73
CA ILE A 246 -16.28 -21.69 -11.52
C ILE A 246 -15.90 -20.22 -11.55
N ALA A 247 -14.67 -19.92 -11.13
CA ALA A 247 -14.13 -18.57 -11.18
C ALA A 247 -12.92 -18.57 -12.11
N VAL A 248 -12.80 -17.53 -12.92
CA VAL A 248 -11.72 -17.42 -13.90
C VAL A 248 -10.69 -16.47 -13.31
N LYS A 249 -9.43 -16.88 -13.29
CA LYS A 249 -8.34 -16.06 -12.76
C LYS A 249 -7.63 -15.33 -13.89
N ILE A 250 -7.70 -14.00 -13.88
CA ILE A 250 -7.19 -13.17 -14.95
C ILE A 250 -5.86 -12.52 -14.54
N ALA A 251 -5.18 -11.91 -15.49
CA ALA A 251 -3.91 -11.28 -15.23
C ALA A 251 -4.11 -9.81 -14.94
N PRO A 252 -3.12 -9.13 -14.37
CA PRO A 252 -3.24 -7.70 -14.12
C PRO A 252 -2.66 -6.84 -15.23
N ASP A 253 -2.24 -7.45 -16.34
CA ASP A 253 -1.60 -6.72 -17.43
C ASP A 253 -2.55 -6.44 -18.59
N LEU A 254 -3.81 -6.84 -18.46
CA LEU A 254 -4.84 -6.41 -19.39
C LEU A 254 -4.94 -4.89 -19.44
N SER A 255 -5.24 -4.39 -20.64
CA SER A 255 -5.58 -2.98 -20.87
C SER A 255 -7.06 -2.75 -20.57
N GLU A 256 -7.48 -1.48 -20.68
CA GLU A 256 -8.88 -1.18 -20.39
C GLU A 256 -9.82 -1.92 -21.34
N GLU A 257 -9.57 -1.83 -22.65
CA GLU A 257 -10.43 -2.54 -23.62
C GLU A 257 -10.44 -4.04 -23.33
N GLU A 258 -9.27 -4.64 -23.13
CA GLU A 258 -9.22 -6.07 -22.87
C GLU A 258 -10.01 -6.43 -21.62
N LEU A 259 -9.99 -5.56 -20.60
CA LEU A 259 -10.67 -5.87 -19.35
C LEU A 259 -12.17 -5.80 -19.52
N ILE A 260 -12.68 -4.79 -20.23
CA ILE A 260 -14.10 -4.74 -20.54
C ILE A 260 -14.52 -5.98 -21.31
N GLN A 261 -13.75 -6.36 -22.34
CA GLN A 261 -14.02 -7.60 -23.07
C GLN A 261 -14.10 -8.78 -22.11
N VAL A 262 -13.15 -8.89 -21.19
CA VAL A 262 -13.14 -10.03 -20.26
C VAL A 262 -14.37 -10.02 -19.37
N ALA A 263 -14.68 -8.86 -18.78
CA ALA A 263 -15.92 -8.75 -18.03
C ALA A 263 -17.10 -9.20 -18.87
N ASP A 264 -17.30 -8.58 -20.04
CA ASP A 264 -18.49 -8.90 -20.83
C ASP A 264 -18.61 -10.40 -21.07
N SER A 265 -17.50 -11.04 -21.42
CA SER A 265 -17.57 -12.47 -21.74
C SER A 265 -17.95 -13.28 -20.50
N LEU A 266 -17.34 -12.97 -19.35
CA LEU A 266 -17.66 -13.68 -18.11
C LEU A 266 -19.13 -13.60 -17.78
N VAL A 267 -19.75 -12.44 -18.01
CA VAL A 267 -21.17 -12.30 -17.71
C VAL A 267 -22.01 -13.10 -18.70
N ARG A 268 -21.81 -12.83 -20.00
CA ARG A 268 -22.59 -13.52 -21.02
C ARG A 268 -22.52 -15.02 -20.87
N HIS A 269 -21.40 -15.55 -20.38
CA HIS A 269 -21.22 -16.98 -20.19
C HIS A 269 -21.59 -17.46 -18.80
N ASN A 270 -22.06 -16.57 -17.93
CA ASN A 270 -22.57 -16.97 -16.63
C ASN A 270 -21.50 -17.64 -15.76
N ILE A 271 -20.26 -17.16 -15.85
CA ILE A 271 -19.21 -17.63 -14.96
C ILE A 271 -19.50 -17.16 -13.56
N ASP A 272 -19.21 -17.99 -12.56
CA ASP A 272 -19.67 -17.72 -11.21
C ASP A 272 -18.85 -16.65 -10.51
N GLY A 273 -17.56 -16.53 -10.84
CA GLY A 273 -16.79 -15.43 -10.28
C GLY A 273 -15.55 -15.18 -11.10
N VAL A 274 -14.86 -14.09 -10.76
CA VAL A 274 -13.53 -13.80 -11.29
C VAL A 274 -12.55 -13.61 -10.14
N ILE A 275 -11.36 -14.21 -10.29
CA ILE A 275 -10.26 -14.01 -9.31
C ILE A 275 -9.28 -13.04 -9.95
N ALA A 276 -9.09 -11.87 -9.36
CA ALA A 276 -8.17 -10.87 -9.91
C ALA A 276 -7.21 -10.43 -8.81
N THR A 277 -5.91 -10.70 -8.97
CA THR A 277 -5.20 -10.86 -10.26
C THR A 277 -4.03 -11.81 -10.05
N ASN A 278 -3.40 -12.25 -11.12
CA ASN A 278 -2.20 -13.11 -11.02
C ASN A 278 -0.97 -12.21 -10.98
N THR A 279 0.18 -12.77 -11.37
CA THR A 279 1.44 -12.00 -11.31
C THR A 279 1.54 -11.06 -12.51
N THR A 280 2.39 -10.05 -12.43
CA THR A 280 2.50 -9.03 -13.47
C THR A 280 3.87 -9.01 -14.13
N LEU A 281 3.89 -8.72 -15.43
CA LEU A 281 5.14 -8.49 -16.13
C LEU A 281 5.76 -7.15 -15.80
N ASP A 282 5.03 -6.28 -15.11
CA ASP A 282 5.56 -4.97 -14.78
C ASP A 282 6.82 -5.09 -13.92
N ARG A 283 7.73 -4.14 -14.10
CA ARG A 283 8.89 -4.05 -13.22
C ARG A 283 9.15 -2.61 -12.81
N SER A 284 8.23 -1.70 -13.10
CA SER A 284 8.51 -0.28 -12.87
C SER A 284 8.77 0.01 -11.41
N LEU A 285 8.20 -0.75 -10.50
CA LEU A 285 8.43 -0.39 -9.10
C LEU A 285 9.65 -1.07 -8.52
N VAL A 286 10.28 -1.99 -9.24
CA VAL A 286 11.41 -2.74 -8.71
C VAL A 286 12.70 -2.44 -9.46
N GLN A 287 12.71 -1.40 -10.30
CA GLN A 287 13.91 -1.00 -11.02
C GLN A 287 15.06 -0.73 -10.05
N GLY A 288 16.25 -1.21 -10.39
CA GLY A 288 17.42 -1.02 -9.55
C GLY A 288 17.58 -1.99 -8.41
N MET A 289 16.82 -3.08 -8.40
CA MET A 289 16.77 -3.97 -7.27
C MET A 289 17.21 -5.36 -7.69
N LYS A 290 18.05 -5.99 -6.88
CA LYS A 290 18.49 -7.34 -7.20
C LYS A 290 17.32 -8.17 -7.70
N ASN A 291 17.52 -8.84 -8.82
CA ASN A 291 16.60 -9.78 -9.47
C ASN A 291 15.47 -9.10 -10.23
N CYS A 292 15.46 -7.78 -10.34
CA CYS A 292 14.28 -7.19 -10.95
C CYS A 292 14.17 -7.51 -12.42
N ASP A 293 15.22 -8.04 -13.02
CA ASP A 293 15.19 -8.28 -14.45
C ASP A 293 15.05 -9.76 -14.75
N GLN A 294 14.90 -10.59 -13.71
CA GLN A 294 14.57 -11.99 -13.92
C GLN A 294 13.18 -12.12 -14.57
N THR A 295 13.11 -12.97 -15.58
CA THR A 295 11.86 -13.13 -16.32
C THR A 295 10.83 -13.85 -15.45
N GLY A 296 9.57 -13.45 -15.58
CA GLY A 296 8.49 -14.12 -14.87
C GLY A 296 7.43 -13.14 -14.33
N GLY A 297 6.66 -13.59 -13.37
CA GLY A 297 5.58 -12.76 -12.81
C GLY A 297 5.98 -12.14 -11.47
N LEU A 298 5.83 -10.83 -11.39
CA LEU A 298 6.10 -10.12 -10.15
C LEU A 298 4.88 -10.13 -9.25
N SER A 299 5.10 -10.38 -7.95
CA SER A 299 4.02 -10.46 -6.97
C SER A 299 4.47 -9.75 -5.71
N GLY A 300 3.53 -9.64 -4.76
CA GLY A 300 3.82 -8.99 -3.49
C GLY A 300 3.59 -7.50 -3.54
N ARG A 301 4.21 -6.79 -2.61
CA ARG A 301 3.92 -5.36 -2.51
C ARG A 301 4.02 -4.62 -3.84
N PRO A 302 4.98 -4.89 -4.73
CA PRO A 302 5.05 -4.13 -6.00
C PRO A 302 3.90 -4.40 -6.95
N LEU A 303 2.96 -5.27 -6.57
CA LEU A 303 1.78 -5.52 -7.38
C LEU A 303 0.50 -5.02 -6.74
N GLN A 304 0.53 -4.64 -5.46
CA GLN A 304 -0.69 -4.26 -4.75
C GLN A 304 -1.48 -3.21 -5.51
N LEU A 305 -0.83 -2.08 -5.80
CA LEU A 305 -1.54 -0.94 -6.37
C LEU A 305 -2.17 -1.29 -7.70
N LYS A 306 -1.46 -2.03 -8.56
CA LYS A 306 -1.99 -2.34 -9.88
C LYS A 306 -3.16 -3.33 -9.82
N SER A 307 -3.02 -4.35 -8.98
CA SER A 307 -4.08 -5.31 -8.75
C SER A 307 -5.35 -4.62 -8.24
N THR A 308 -5.20 -3.56 -7.44
CA THR A 308 -6.37 -2.82 -6.97
C THR A 308 -7.03 -2.04 -8.10
N GLU A 309 -6.23 -1.31 -8.90
CA GLU A 309 -6.78 -0.59 -10.04
C GLU A 309 -7.58 -1.55 -10.92
N ILE A 310 -6.99 -2.70 -11.24
CA ILE A 310 -7.71 -3.70 -12.04
C ILE A 310 -9.05 -4.04 -11.40
N ILE A 311 -9.03 -4.44 -10.13
CA ILE A 311 -10.26 -4.87 -9.47
C ILE A 311 -11.32 -3.79 -9.57
N ARG A 312 -10.94 -2.53 -9.33
CA ARG A 312 -11.89 -1.42 -9.39
C ARG A 312 -12.53 -1.28 -10.77
N ARG A 313 -11.73 -1.34 -11.82
CA ARG A 313 -12.29 -1.24 -13.17
C ARG A 313 -13.14 -2.45 -13.50
N LEU A 314 -12.63 -3.63 -13.17
CA LEU A 314 -13.45 -4.83 -13.33
C LEU A 314 -14.78 -4.72 -12.59
N SER A 315 -14.78 -4.17 -11.37
CA SER A 315 -16.01 -4.06 -10.60
C SER A 315 -16.99 -3.13 -11.27
N LEU A 316 -16.51 -2.00 -11.78
CA LEU A 316 -17.41 -1.10 -12.50
C LEU A 316 -18.08 -1.82 -13.67
N GLU A 317 -17.31 -2.60 -14.44
CA GLU A 317 -17.90 -3.24 -15.60
C GLU A 317 -18.80 -4.40 -15.21
N LEU A 318 -18.46 -5.14 -14.15
CA LEU A 318 -19.32 -6.24 -13.75
C LEU A 318 -20.62 -5.75 -13.12
N ASN A 319 -20.58 -4.59 -12.47
CA ASN A 319 -21.75 -4.01 -11.81
C ASN A 319 -22.51 -5.04 -10.97
N GLY A 320 -21.80 -5.68 -10.06
CA GLY A 320 -22.43 -6.59 -9.14
C GLY A 320 -22.96 -7.87 -9.74
N ARG A 321 -22.74 -8.12 -11.03
CA ARG A 321 -23.33 -9.27 -11.69
C ARG A 321 -22.65 -10.58 -11.28
N LEU A 322 -21.34 -10.57 -11.07
CA LEU A 322 -20.65 -11.71 -10.49
C LEU A 322 -19.57 -11.21 -9.56
N PRO A 323 -19.23 -11.98 -8.53
CA PRO A 323 -18.26 -11.53 -7.51
C PRO A 323 -16.81 -11.68 -7.94
N ILE A 324 -15.97 -10.85 -7.32
CA ILE A 324 -14.52 -10.80 -7.58
C ILE A 324 -13.79 -11.23 -6.33
N ILE A 325 -12.96 -12.26 -6.44
CA ILE A 325 -11.95 -12.59 -5.42
C ILE A 325 -10.72 -11.70 -5.63
N GLY A 326 -10.23 -11.06 -4.57
CA GLY A 326 -9.14 -10.10 -4.76
C GLY A 326 -7.79 -10.60 -4.27
N VAL A 327 -6.85 -10.80 -5.20
CA VAL A 327 -5.50 -11.18 -4.83
C VAL A 327 -4.53 -10.23 -5.54
N GLY A 328 -3.54 -9.74 -4.80
CA GLY A 328 -2.54 -8.87 -5.37
C GLY A 328 -1.89 -7.89 -4.43
N GLY A 329 -0.77 -8.31 -3.83
CA GLY A 329 -0.05 -7.46 -2.90
C GLY A 329 -0.73 -7.19 -1.58
N ILE A 330 -1.78 -7.94 -1.21
CA ILE A 330 -2.38 -7.74 0.10
C ILE A 330 -1.40 -8.18 1.16
N ASP A 331 -0.94 -7.22 1.96
CA ASP A 331 0.00 -7.53 3.01
C ASP A 331 -0.35 -6.87 4.34
N SER A 332 -1.63 -6.59 4.58
CA SER A 332 -2.04 -5.83 5.76
C SER A 332 -3.54 -5.58 5.69
N VAL A 333 -4.12 -5.31 6.86
CA VAL A 333 -5.56 -5.09 6.98
C VAL A 333 -6.01 -4.01 5.99
N ILE A 334 -5.39 -2.85 6.07
CA ILE A 334 -5.82 -1.77 5.20
C ILE A 334 -5.71 -2.16 3.73
N ALA A 335 -4.63 -2.85 3.36
CA ALA A 335 -4.55 -3.29 1.98
C ALA A 335 -5.72 -4.19 1.64
N ALA A 336 -6.09 -5.09 2.57
CA ALA A 336 -7.25 -5.94 2.33
C ALA A 336 -8.52 -5.11 2.21
N ARG A 337 -8.73 -4.18 3.14
CA ARG A 337 -9.93 -3.37 3.05
C ARG A 337 -9.94 -2.58 1.76
N GLU A 338 -8.79 -2.13 1.28
CA GLU A 338 -8.76 -1.42 0.01
C GLU A 338 -9.32 -2.27 -1.13
N LYS A 339 -8.92 -3.55 -1.20
CA LYS A 339 -9.48 -4.42 -2.24
C LYS A 339 -11.00 -4.57 -2.09
N ILE A 340 -11.48 -4.80 -0.87
CA ILE A 340 -12.93 -4.85 -0.65
C ILE A 340 -13.59 -3.57 -1.15
N ALA A 341 -13.05 -2.41 -0.78
CA ALA A 341 -13.63 -1.15 -1.26
C ALA A 341 -13.66 -1.09 -2.78
N ALA A 342 -12.69 -1.71 -3.44
CA ALA A 342 -12.61 -1.68 -4.89
C ALA A 342 -13.65 -2.55 -5.54
N GLY A 343 -14.25 -3.48 -4.79
CA GLY A 343 -15.30 -4.31 -5.33
C GLY A 343 -15.15 -5.80 -5.07
N ALA A 344 -14.12 -6.21 -4.36
CA ALA A 344 -13.93 -7.63 -4.11
C ALA A 344 -14.82 -8.08 -2.95
N SER A 345 -15.28 -9.31 -3.03
CA SER A 345 -16.03 -9.92 -1.95
C SER A 345 -15.17 -10.79 -1.05
N LEU A 346 -14.10 -11.35 -1.60
CA LEU A 346 -13.10 -12.09 -0.85
C LEU A 346 -11.72 -11.58 -1.24
N VAL A 347 -10.72 -12.06 -0.51
CA VAL A 347 -9.34 -11.73 -0.81
C VAL A 347 -8.48 -12.98 -0.61
N GLN A 348 -7.33 -12.99 -1.28
CA GLN A 348 -6.32 -14.03 -1.09
C GLN A 348 -4.96 -13.41 -0.90
N ILE A 349 -4.08 -14.14 -0.25
CA ILE A 349 -2.70 -13.70 -0.10
C ILE A 349 -1.80 -14.83 -0.50
N TYR A 350 -0.60 -14.47 -0.98
CA TYR A 350 0.47 -15.44 -1.13
C TYR A 350 1.73 -14.79 -0.62
N SER A 351 2.27 -13.84 -1.40
CA SER A 351 3.52 -13.20 -1.01
C SER A 351 3.47 -12.69 0.42
N GLY A 352 2.44 -11.91 0.75
CA GLY A 352 2.32 -11.36 2.09
C GLY A 352 2.40 -12.40 3.17
N PHE A 353 1.88 -13.59 2.89
CA PHE A 353 1.98 -14.71 3.81
C PHE A 353 3.43 -15.08 4.03
N ILE A 354 4.19 -15.24 2.94
CA ILE A 354 5.63 -15.50 3.02
C ILE A 354 6.33 -14.40 3.80
N PHE A 355 6.02 -13.14 3.52
CA PHE A 355 6.82 -12.08 4.16
C PHE A 355 6.33 -11.75 5.56
N LYS A 356 5.06 -11.96 5.85
CA LYS A 356 4.55 -11.53 7.15
C LYS A 356 4.05 -12.64 8.03
N GLY A 357 3.81 -13.84 7.49
CA GLY A 357 3.46 -15.00 8.29
C GLY A 357 1.98 -15.05 8.67
N PRO A 358 1.59 -16.12 9.44
CA PRO A 358 0.26 -16.22 10.00
C PRO A 358 -0.26 -15.02 10.78
N PRO A 359 0.56 -14.22 11.50
CA PRO A 359 0.05 -13.00 12.10
C PRO A 359 -0.85 -12.25 11.12
N LEU A 360 -0.53 -12.26 9.83
CA LEU A 360 -1.33 -11.54 8.81
C LEU A 360 -2.68 -12.22 8.64
N ILE A 361 -2.72 -13.54 8.60
CA ILE A 361 -4.02 -14.21 8.53
C ILE A 361 -4.90 -13.72 9.67
N LYS A 362 -4.34 -13.71 10.86
CA LYS A 362 -5.10 -13.25 12.06
C LYS A 362 -5.48 -11.79 11.90
N GLU A 363 -4.51 -10.92 11.63
CA GLU A 363 -4.78 -9.47 11.50
C GLU A 363 -5.93 -9.24 10.55
N ILE A 364 -5.82 -9.75 9.33
CA ILE A 364 -6.87 -9.49 8.30
C ILE A 364 -8.18 -10.09 8.78
N VAL A 365 -8.25 -11.39 9.02
CA VAL A 365 -9.52 -12.00 9.38
C VAL A 365 -10.17 -11.22 10.52
N THR A 366 -9.37 -10.73 11.46
CA THR A 366 -9.89 -10.09 12.65
C THR A 366 -10.48 -8.73 12.34
N HIS A 367 -9.75 -7.90 11.59
CA HIS A 367 -10.18 -6.53 11.38
C HIS A 367 -10.71 -6.28 9.99
N ILE A 368 -10.80 -7.29 9.13
CA ILE A 368 -11.26 -6.96 7.80
C ILE A 368 -12.71 -6.57 7.94
N TYR B 34 16.07 -2.84 17.39
CA TYR B 34 14.75 -3.22 16.88
C TYR B 34 13.73 -2.22 17.40
N TYR B 35 13.00 -1.61 16.47
CA TYR B 35 12.04 -0.57 16.79
C TYR B 35 10.75 -1.18 17.33
N PRO B 36 10.32 -2.33 16.83
CA PRO B 36 9.06 -2.92 17.33
C PRO B 36 9.01 -3.03 18.85
N PHE B 37 10.16 -3.21 19.51
CA PHE B 37 10.13 -3.30 20.96
C PHE B 37 10.03 -1.92 21.61
N VAL B 38 10.66 -0.91 21.01
CA VAL B 38 10.49 0.48 21.45
C VAL B 38 9.05 0.92 21.27
N ARG B 39 8.41 0.52 20.17
CA ARG B 39 7.06 0.99 19.88
C ARG B 39 6.04 0.40 20.83
N LYS B 40 6.18 -0.88 21.17
CA LYS B 40 5.29 -1.48 22.17
C LYS B 40 5.28 -0.64 23.44
N ALA B 41 6.47 -0.28 23.89
CA ALA B 41 6.60 0.52 25.12
C ALA B 41 6.00 1.90 24.90
N LEU B 42 6.40 2.58 23.84
CA LEU B 42 5.92 3.96 23.63
C LEU B 42 4.40 3.95 23.45
N PHE B 43 3.86 2.88 22.87
CA PHE B 43 2.42 2.80 22.65
C PHE B 43 1.64 2.54 23.92
N GLN B 44 2.31 2.06 24.98
CA GLN B 44 1.66 2.01 26.29
C GLN B 44 1.35 3.41 26.82
N LEU B 45 2.03 4.45 26.30
CA LEU B 45 1.75 5.87 26.57
C LEU B 45 0.78 6.48 25.55
N ASP B 46 0.06 7.48 26.07
CA ASP B 46 -0.93 8.23 25.26
C ASP B 46 -0.23 8.86 24.04
N PRO B 47 -0.78 8.82 22.81
CA PRO B 47 -0.15 9.47 21.66
C PRO B 47 0.61 10.78 21.95
N GLU B 48 -0.05 11.76 22.54
CA GLU B 48 0.60 13.08 22.74
C GLU B 48 1.62 12.99 23.86
N ARG B 49 1.32 12.23 24.91
CA ARG B 49 2.26 12.11 26.01
C ARG B 49 3.54 11.44 25.53
N ALA B 50 3.39 10.37 24.75
CA ALA B 50 4.54 9.68 24.19
C ALA B 50 5.35 10.61 23.31
N HIS B 51 4.68 11.48 22.56
CA HIS B 51 5.43 12.45 21.77
C HIS B 51 6.23 13.37 22.67
N GLU B 52 5.54 14.10 23.56
CA GLU B 52 6.20 14.97 24.53
C GLU B 52 7.40 14.28 25.16
N PHE B 53 7.26 13.01 25.56
CA PHE B 53 8.37 12.32 26.21
C PHE B 53 9.52 12.08 25.23
N THR B 54 9.19 11.56 24.04
CA THR B 54 10.19 11.31 23.02
C THR B 54 11.00 12.57 22.71
N PHE B 55 10.33 13.71 22.62
CA PHE B 55 11.01 14.93 22.21
C PHE B 55 11.76 15.57 23.36
N GLN B 56 11.23 15.47 24.58
CA GLN B 56 12.02 15.77 25.77
C GLN B 56 13.41 15.14 25.63
N GLN B 57 13.45 13.84 25.33
CA GLN B 57 14.72 13.15 25.21
C GLN B 57 15.55 13.68 24.04
N LEU B 58 14.92 13.84 22.88
CA LEU B 58 15.65 14.27 21.67
C LEU B 58 16.17 15.69 21.84
N ARG B 59 15.52 16.48 22.71
CA ARG B 59 15.90 17.90 22.92
C ARG B 59 17.17 17.95 23.77
N ARG B 60 17.32 16.98 24.65
CA ARG B 60 18.49 16.94 25.55
C ARG B 60 19.71 16.49 24.74
N ILE B 61 19.51 16.00 23.51
CA ILE B 61 20.67 15.48 22.79
C ILE B 61 20.89 16.15 21.43
N THR B 62 19.90 16.88 20.93
CA THR B 62 20.03 17.46 19.59
C THR B 62 21.21 18.43 19.54
N GLY B 63 22.01 18.33 18.48
CA GLY B 63 23.13 19.23 18.34
C GLY B 63 24.27 18.98 19.29
N THR B 64 24.33 17.79 19.89
CA THR B 64 25.42 17.36 20.77
C THR B 64 25.92 16.00 20.32
N PRO B 65 27.15 15.66 20.69
CA PRO B 65 27.70 14.34 20.34
C PRO B 65 26.81 13.20 20.78
N PHE B 66 25.93 13.46 21.75
CA PHE B 66 24.97 12.45 22.17
C PHE B 66 23.93 12.11 21.12
N GLU B 67 23.93 12.77 19.97
CA GLU B 67 23.02 12.27 18.95
C GLU B 67 23.54 11.00 18.28
N ALA B 68 24.74 10.53 18.64
CA ALA B 68 25.14 9.18 18.27
C ALA B 68 24.09 8.15 18.67
N LEU B 69 23.33 8.42 19.73
CA LEU B 69 22.29 7.50 20.15
C LEU B 69 21.23 7.29 19.06
N VAL B 70 21.04 8.24 18.15
CA VAL B 70 19.98 8.13 17.14
C VAL B 70 20.51 8.22 15.72
N ARG B 71 21.82 8.37 15.53
CA ARG B 71 22.39 8.52 14.20
C ARG B 71 22.21 7.25 13.39
N GLN B 72 21.94 7.42 12.11
CA GLN B 72 21.77 6.31 11.18
C GLN B 72 22.41 6.75 9.87
N LYS B 73 23.40 6.00 9.41
CA LYS B 73 24.06 6.36 8.15
C LYS B 73 23.17 5.96 6.99
N VAL B 74 23.10 6.84 5.98
CA VAL B 74 22.28 6.58 4.80
C VAL B 74 23.03 7.07 3.56
N PRO B 75 22.85 6.39 2.43
CA PRO B 75 23.58 6.80 1.23
C PRO B 75 23.23 8.21 0.77
N ALA B 76 24.19 8.87 0.13
CA ALA B 76 23.86 10.13 -0.52
C ALA B 76 23.01 9.83 -1.75
N LYS B 77 22.01 10.65 -1.97
CA LYS B 77 21.11 10.38 -3.07
C LYS B 77 20.50 11.70 -3.50
N PRO B 78 21.33 12.66 -3.92
CA PRO B 78 20.84 14.03 -4.15
C PRO B 78 19.83 14.11 -5.28
N VAL B 79 18.93 15.09 -5.14
CA VAL B 79 17.81 15.34 -6.03
C VAL B 79 17.67 16.84 -6.17
N ASN B 80 17.65 17.33 -7.40
CA ASN B 80 17.39 18.75 -7.60
C ASN B 80 15.88 18.92 -7.63
N CYS B 81 15.37 19.88 -6.87
CA CYS B 81 13.95 20.15 -6.81
C CYS B 81 13.74 21.58 -6.36
N MET B 82 12.91 22.33 -7.08
CA MET B 82 12.59 23.73 -6.72
C MET B 82 13.84 24.59 -6.68
N GLY B 83 14.86 24.23 -7.46
CA GLY B 83 16.07 25.02 -7.47
C GLY B 83 17.01 24.74 -6.33
N LEU B 84 16.68 23.82 -5.45
CA LEU B 84 17.53 23.41 -4.35
C LEU B 84 18.06 22.00 -4.61
N THR B 85 19.23 21.71 -4.07
CA THR B 85 19.66 20.32 -3.98
C THR B 85 19.17 19.76 -2.66
N PHE B 86 18.37 18.70 -2.73
CA PHE B 86 17.99 17.96 -1.54
C PHE B 86 18.99 16.84 -1.31
N LYS B 87 19.56 16.79 -0.10
CA LYS B 87 20.46 15.71 0.29
C LYS B 87 19.94 14.34 -0.18
N ASN B 88 18.66 14.06 0.08
CA ASN B 88 18.06 12.84 -0.43
C ASN B 88 16.57 13.05 -0.55
N PRO B 89 15.80 12.18 -1.26
CA PRO B 89 14.38 12.44 -1.53
C PRO B 89 13.41 12.32 -0.36
N LEU B 90 13.87 11.83 0.78
CA LEU B 90 12.95 11.60 1.92
C LEU B 90 12.99 12.77 2.89
N GLY B 91 11.81 13.27 3.22
CA GLY B 91 11.75 14.36 4.20
C GLY B 91 10.85 14.05 5.37
N LEU B 92 11.13 14.66 6.51
CA LEU B 92 10.20 14.57 7.64
C LEU B 92 9.06 15.55 7.41
N ALA B 93 7.87 15.02 7.21
CA ALA B 93 6.72 15.90 7.01
C ALA B 93 6.48 16.82 8.21
N ALA B 94 5.75 17.89 7.96
CA ALA B 94 5.48 18.83 9.03
C ALA B 94 4.55 18.22 10.07
N GLY B 95 4.63 18.75 11.29
CA GLY B 95 3.79 18.36 12.41
C GLY B 95 4.54 17.71 13.54
N LEU B 96 5.64 17.01 13.26
CA LEU B 96 6.37 16.32 14.31
C LEU B 96 7.16 17.30 15.17
N ASP B 97 8.03 18.07 14.54
CA ASP B 97 8.83 19.05 15.25
C ASP B 97 8.21 20.43 15.02
N LYS B 98 7.06 20.63 15.65
CA LYS B 98 6.29 21.87 15.42
C LYS B 98 7.14 23.10 15.60
N ASP B 99 8.04 23.10 16.57
CA ASP B 99 8.68 24.35 16.94
C ASP B 99 10.13 24.39 16.54
N GLY B 100 10.62 23.37 15.85
CA GLY B 100 12.00 23.37 15.41
C GLY B 100 13.00 23.08 16.50
N GLU B 101 12.63 22.22 17.45
CA GLU B 101 13.46 21.95 18.61
C GLU B 101 14.55 20.89 18.38
N CYS B 102 14.29 19.90 17.53
CA CYS B 102 15.22 18.79 17.38
C CYS B 102 15.72 18.63 15.95
N ILE B 103 15.88 19.72 15.22
CA ILE B 103 16.29 19.61 13.82
C ILE B 103 17.54 18.75 13.70
N ASP B 104 18.59 19.11 14.42
CA ASP B 104 19.83 18.37 14.32
C ASP B 104 19.61 16.88 14.60
N ALA B 105 19.01 16.56 15.75
CA ALA B 105 18.78 15.17 16.11
C ALA B 105 18.02 14.43 15.01
N LEU B 106 16.93 15.01 14.53
CA LEU B 106 16.18 14.37 13.45
C LEU B 106 17.04 14.17 12.21
N GLY B 107 17.82 15.18 11.81
CA GLY B 107 18.67 15.00 10.65
C GLY B 107 19.68 13.87 10.82
N ALA B 108 20.18 13.72 12.04
CA ALA B 108 21.08 12.61 12.35
C ALA B 108 20.47 11.27 11.98
N MET B 109 19.15 11.17 11.93
CA MET B 109 18.49 9.92 11.62
C MET B 109 18.44 9.61 10.13
N GLY B 110 18.78 10.58 9.27
CA GLY B 110 18.84 10.24 7.87
C GLY B 110 18.10 11.18 6.95
N PHE B 111 17.16 11.97 7.47
CA PHE B 111 16.27 12.76 6.63
C PHE B 111 17.05 13.72 5.75
N GLY B 112 16.80 13.65 4.45
CA GLY B 112 17.40 14.63 3.55
C GLY B 112 16.78 16.01 3.62
N SER B 113 15.54 16.12 4.09
CA SER B 113 14.92 17.39 4.39
C SER B 113 14.05 17.23 5.63
N ILE B 114 13.90 18.31 6.38
CA ILE B 114 13.06 18.34 7.58
C ILE B 114 12.14 19.54 7.48
N GLU B 115 10.83 19.31 7.53
CA GLU B 115 9.85 20.39 7.51
C GLU B 115 9.36 20.64 8.93
N ILE B 116 9.81 21.75 9.52
CA ILE B 116 9.37 22.14 10.86
C ILE B 116 8.10 22.98 10.75
N GLY B 117 7.39 23.15 11.86
CA GLY B 117 6.07 23.76 11.89
C GLY B 117 4.97 22.72 11.96
N THR B 118 3.72 23.19 11.96
CA THR B 118 3.33 24.52 11.48
C THR B 118 3.44 25.59 12.55
N VAL B 119 4.06 26.74 12.25
CA VAL B 119 4.06 27.86 13.17
C VAL B 119 3.11 28.92 12.67
N THR B 120 2.69 29.77 13.60
CA THR B 120 1.84 30.91 13.36
C THR B 120 2.55 32.14 13.89
N PRO B 121 2.14 33.32 13.49
CA PRO B 121 2.79 34.53 14.02
C PRO B 121 2.79 34.58 15.55
N ARG B 122 1.55 34.51 16.22
CA ARG B 122 1.44 34.48 17.68
C ARG B 122 1.38 33.02 18.16
N PRO B 123 1.79 32.72 19.39
CA PRO B 123 1.59 31.37 19.91
C PRO B 123 0.12 31.09 20.21
N GLN B 124 -0.25 29.82 20.14
CA GLN B 124 -1.58 29.37 20.48
C GLN B 124 -1.48 27.92 20.93
N PRO B 125 -2.41 27.44 21.76
CA PRO B 125 -2.33 26.07 22.26
C PRO B 125 -3.11 25.08 21.41
N GLY B 126 -3.85 25.55 20.42
CA GLY B 126 -4.63 24.67 19.61
C GLY B 126 -5.83 24.11 20.36
N ASN B 127 -6.45 23.10 19.75
CA ASN B 127 -7.71 22.56 20.23
C ASN B 127 -7.50 21.76 21.52
N ASP B 128 -8.63 21.36 22.11
CA ASP B 128 -8.64 20.81 23.47
C ASP B 128 -8.31 19.32 23.48
N LYS B 129 -7.45 18.93 24.42
CA LYS B 129 -7.20 17.51 24.62
C LYS B 129 -8.49 16.78 25.00
N PRO B 130 -8.58 15.47 24.73
CA PRO B 130 -7.55 14.79 23.95
C PRO B 130 -7.79 15.07 22.48
N ARG B 131 -6.71 15.15 21.71
CA ARG B 131 -6.76 15.61 20.33
C ARG B 131 -5.90 14.75 19.41
N LEU B 132 -5.49 13.57 19.87
CA LEU B 132 -4.54 12.75 19.14
C LEU B 132 -4.85 11.30 19.45
N PHE B 133 -5.10 10.49 18.42
CA PHE B 133 -5.55 9.13 18.62
C PHE B 133 -4.88 8.21 17.62
N ARG B 134 -4.58 6.99 18.09
CA ARG B 134 -3.84 5.99 17.35
C ARG B 134 -4.80 4.92 16.85
N LEU B 135 -4.80 4.67 15.54
CA LEU B 135 -5.50 3.51 14.98
C LEU B 135 -4.46 2.43 14.67
N VAL B 136 -4.13 1.66 15.71
CA VAL B 136 -2.94 0.81 15.64
C VAL B 136 -3.07 -0.27 14.58
N ASP B 137 -4.22 -0.93 14.52
CA ASP B 137 -4.33 -2.05 13.58
C ASP B 137 -4.35 -1.58 12.12
N ALA B 138 -4.72 -0.34 11.89
CA ALA B 138 -4.70 0.30 10.59
C ALA B 138 -3.41 1.06 10.33
N GLU B 139 -2.49 1.09 11.30
CA GLU B 139 -1.28 1.90 11.23
C GLU B 139 -1.58 3.32 10.73
N GLY B 140 -2.55 3.97 11.39
CA GLY B 140 -2.94 5.31 11.03
C GLY B 140 -3.11 6.16 12.27
N LEU B 141 -3.20 7.48 12.07
CA LEU B 141 -3.35 8.42 13.22
C LEU B 141 -4.50 9.38 12.94
N ILE B 142 -5.29 9.74 13.95
CA ILE B 142 -6.35 10.78 13.78
C ILE B 142 -5.96 11.94 14.68
N ASN B 143 -6.01 13.17 14.17
CA ASN B 143 -5.54 14.30 14.99
C ASN B 143 -6.35 15.57 14.77
N ARG B 144 -6.75 16.23 15.86
CA ARG B 144 -7.31 17.55 15.68
C ARG B 144 -6.49 18.53 16.50
N MET B 145 -5.19 18.57 16.23
CA MET B 145 -4.27 19.31 17.09
C MET B 145 -4.64 20.78 17.18
N GLY B 146 -4.82 21.42 16.01
CA GLY B 146 -5.23 22.84 15.98
C GLY B 146 -4.07 23.82 15.91
N PHE B 147 -2.97 23.44 15.26
CA PHE B 147 -1.78 24.32 15.13
C PHE B 147 -1.22 24.65 16.50
N ASN B 148 -0.99 23.64 17.32
CA ASN B 148 -0.36 23.86 18.65
C ASN B 148 1.12 24.20 18.46
N ASN B 149 1.46 25.49 18.53
CA ASN B 149 2.84 25.89 18.38
C ASN B 149 3.18 27.04 19.33
N LEU B 150 4.47 27.18 19.62
CA LEU B 150 5.00 28.31 20.39
C LEU B 150 5.22 29.56 19.56
N GLY B 151 4.76 29.60 18.33
CA GLY B 151 4.87 30.80 17.54
C GLY B 151 6.16 30.91 16.74
N VAL B 152 6.18 31.92 15.88
CA VAL B 152 7.21 32.05 14.87
C VAL B 152 8.50 32.64 15.45
N ASP B 153 8.38 33.61 16.36
CA ASP B 153 9.58 34.17 16.95
C ASP B 153 10.40 33.09 17.64
N ASN B 154 9.72 32.22 18.40
CA ASN B 154 10.40 31.14 19.08
C ASN B 154 11.04 30.19 18.09
N LEU B 155 10.32 29.81 17.04
CA LEU B 155 10.88 28.90 16.06
C LEU B 155 12.15 29.49 15.47
N VAL B 156 12.13 30.76 15.12
CA VAL B 156 13.31 31.36 14.50
C VAL B 156 14.51 31.21 15.43
N GLU B 157 14.31 31.35 16.74
CA GLU B 157 15.44 31.23 17.66
C GLU B 157 16.00 29.81 17.66
N ASN B 158 15.13 28.81 17.67
CA ASN B 158 15.59 27.43 17.58
C ASN B 158 16.34 27.19 16.29
N VAL B 159 15.81 27.68 15.18
CA VAL B 159 16.46 27.44 13.90
C VAL B 159 17.87 28.05 13.88
N LYS B 160 18.11 29.13 14.64
CA LYS B 160 19.44 29.73 14.65
C LYS B 160 20.48 28.82 15.29
N LYS B 161 20.06 27.93 16.18
CA LYS B 161 20.94 26.98 16.82
C LYS B 161 21.23 25.74 15.96
N ALA B 162 20.53 25.57 14.85
CA ALA B 162 20.69 24.32 14.15
C ALA B 162 21.89 24.36 13.23
N HIS B 163 22.39 23.16 12.90
CA HIS B 163 23.51 22.97 12.00
C HIS B 163 23.19 21.77 11.10
N TYR B 164 22.05 21.83 10.43
CA TYR B 164 21.55 20.71 9.62
C TYR B 164 21.93 20.95 8.17
N ASP B 165 22.70 20.03 7.61
CA ASP B 165 23.15 20.14 6.24
C ASP B 165 22.14 19.62 5.23
N GLY B 166 20.92 19.25 5.67
CA GLY B 166 19.85 18.99 4.74
C GLY B 166 19.07 20.25 4.46
N VAL B 167 17.98 20.10 3.71
CA VAL B 167 17.13 21.25 3.40
C VAL B 167 16.11 21.39 4.50
N LEU B 168 16.01 22.59 5.07
CA LEU B 168 15.06 22.89 6.12
C LEU B 168 13.88 23.63 5.50
N GLY B 169 12.69 23.05 5.62
CA GLY B 169 11.44 23.74 5.25
C GLY B 169 10.72 24.23 6.50
N ILE B 170 10.20 25.44 6.43
CA ILE B 170 9.41 25.99 7.57
C ILE B 170 7.96 26.08 7.13
N ASN B 171 7.07 25.36 7.80
CA ASN B 171 5.63 25.35 7.45
C ASN B 171 4.94 26.45 8.24
N ILE B 172 4.13 27.27 7.58
CA ILE B 172 3.49 28.44 8.26
C ILE B 172 1.97 28.34 8.13
N GLY B 173 1.23 28.84 9.12
CA GLY B 173 -0.22 28.74 9.12
C GLY B 173 -0.88 29.97 9.73
N LYS B 174 -2.21 29.96 9.63
CA LYS B 174 -3.05 31.02 10.17
C LYS B 174 -3.30 30.80 11.67
N ASN B 175 -3.17 31.88 12.44
CA ASN B 175 -3.66 31.90 13.82
C ASN B 175 -5.16 31.63 13.86
N LYS B 176 -5.60 30.86 14.85
CA LYS B 176 -7.01 30.50 14.95
C LYS B 176 -7.91 31.73 14.86
N ASP B 177 -7.70 32.70 15.76
CA ASP B 177 -8.62 33.83 15.88
C ASP B 177 -8.59 34.74 14.65
N THR B 178 -7.50 34.74 13.89
CA THR B 178 -7.43 35.59 12.71
C THR B 178 -8.56 35.27 11.76
N PRO B 179 -9.29 36.26 11.25
CA PRO B 179 -10.37 35.96 10.28
C PRO B 179 -9.80 35.46 8.96
N VAL B 180 -10.39 34.39 8.44
CA VAL B 180 -9.87 33.76 7.24
C VAL B 180 -9.78 34.77 6.11
N GLU B 181 -10.62 35.82 6.14
CA GLU B 181 -10.56 36.86 5.11
C GLU B 181 -9.24 37.62 5.13
N GLN B 182 -8.60 37.72 6.29
CA GLN B 182 -7.32 38.40 6.44
C GLN B 182 -6.21 37.41 6.77
N GLY B 183 -6.36 36.17 6.33
CA GLY B 183 -5.35 35.17 6.64
C GLY B 183 -4.01 35.48 6.00
N LYS B 184 -4.02 36.06 4.80
CA LYS B 184 -2.77 36.43 4.14
C LYS B 184 -1.83 37.15 5.11
N ASP B 185 -2.37 38.05 5.93
CA ASP B 185 -1.52 38.81 6.82
C ASP B 185 -0.72 37.89 7.72
N ASP B 186 -1.34 36.83 8.22
CA ASP B 186 -0.65 35.86 9.05
C ASP B 186 0.48 35.18 8.29
N TYR B 187 0.24 34.84 7.02
CA TYR B 187 1.28 34.18 6.24
C TYR B 187 2.42 35.14 5.92
N LEU B 188 2.10 36.37 5.54
CA LEU B 188 3.17 37.30 5.16
C LEU B 188 4.03 37.69 6.37
N ILE B 189 3.42 37.91 7.55
CA ILE B 189 4.26 38.20 8.71
C ILE B 189 5.30 37.09 8.88
N CYS B 190 4.82 35.84 8.91
CA CYS B 190 5.72 34.71 9.08
C CYS B 190 6.83 34.71 8.05
N MET B 191 6.49 34.97 6.78
CA MET B 191 7.51 34.92 5.74
C MET B 191 8.64 35.89 6.03
N GLU B 192 8.31 37.08 6.52
CA GLU B 192 9.34 38.08 6.80
C GLU B 192 10.33 37.60 7.85
N LYS B 193 9.87 36.87 8.87
CA LYS B 193 10.73 36.49 10.00
C LYS B 193 11.53 35.23 9.71
N ILE B 194 11.08 34.38 8.80
CA ILE B 194 11.74 33.12 8.51
C ILE B 194 12.52 33.15 7.21
N TYR B 195 12.27 34.13 6.34
CA TYR B 195 12.86 34.08 5.00
C TYR B 195 14.37 33.88 5.08
N ALA B 196 15.02 34.53 6.04
CA ALA B 196 16.48 34.49 6.06
C ALA B 196 17.02 33.18 6.58
N TYR B 197 16.17 32.31 7.12
CA TYR B 197 16.65 31.10 7.80
C TYR B 197 16.08 29.83 7.20
N ALA B 198 15.28 29.93 6.15
CA ALA B 198 14.54 28.80 5.61
C ALA B 198 15.13 28.39 4.27
N GLY B 199 15.15 27.09 4.05
CA GLY B 199 15.48 26.58 2.73
C GLY B 199 14.32 26.70 1.78
N TYR B 200 13.16 26.21 2.21
CA TYR B 200 11.90 26.41 1.52
C TYR B 200 10.83 26.74 2.56
N ILE B 201 9.72 27.32 2.09
CA ILE B 201 8.62 27.76 2.95
C ILE B 201 7.36 27.05 2.50
N ALA B 202 6.64 26.45 3.45
CA ALA B 202 5.43 25.68 3.15
C ALA B 202 4.20 26.46 3.58
N ILE B 203 3.32 26.76 2.62
CA ILE B 203 2.04 27.47 2.94
C ILE B 203 1.00 26.41 3.26
N ASN B 204 0.52 26.38 4.50
CA ASN B 204 -0.47 25.37 4.93
C ASN B 204 -1.88 25.92 4.81
N ILE B 205 -2.66 25.40 3.88
CA ILE B 205 -4.09 25.80 3.75
C ILE B 205 -4.87 24.50 3.70
N SER B 206 -4.38 23.47 4.37
CA SER B 206 -4.99 22.13 4.23
C SER B 206 -5.46 21.54 5.57
N SER B 207 -5.10 22.17 6.68
CA SER B 207 -5.51 21.67 8.01
C SER B 207 -7.02 21.64 8.10
N PRO B 208 -7.64 20.50 8.48
CA PRO B 208 -9.06 20.47 8.70
C PRO B 208 -9.37 20.85 10.15
N ASN B 209 -8.38 21.33 10.89
CA ASN B 209 -8.60 21.60 12.33
C ASN B 209 -8.50 23.09 12.62
N THR B 210 -8.35 23.92 11.60
CA THR B 210 -8.41 25.40 11.77
C THR B 210 -9.75 25.80 11.10
N PRO B 211 -10.88 26.07 11.81
CA PRO B 211 -12.15 26.32 11.11
C PRO B 211 -12.03 27.24 9.91
N GLY B 212 -12.57 26.79 8.76
CA GLY B 212 -12.59 27.58 7.55
C GLY B 212 -11.29 27.62 6.77
N LEU B 213 -10.20 27.06 7.31
CA LEU B 213 -8.90 27.26 6.69
C LEU B 213 -8.87 26.68 5.27
N ARG B 214 -9.41 25.48 5.09
CA ARG B 214 -9.35 24.84 3.78
C ARG B 214 -9.97 25.68 2.68
N THR B 215 -10.88 26.59 3.02
CA THR B 215 -11.49 27.43 2.00
C THR B 215 -10.44 28.24 1.26
N LEU B 216 -9.28 28.49 1.90
CA LEU B 216 -8.19 29.21 1.26
C LEU B 216 -7.62 28.46 0.06
N GLN B 217 -8.01 27.20 -0.14
CA GLN B 217 -7.63 26.49 -1.36
C GLN B 217 -8.52 26.84 -2.56
N TYR B 218 -9.66 27.48 -2.33
CA TYR B 218 -10.71 27.60 -3.35
C TYR B 218 -10.75 28.99 -3.97
N GLY B 219 -10.89 29.03 -5.30
CA GLY B 219 -11.40 30.20 -5.98
C GLY B 219 -10.56 31.45 -5.80
N GLU B 220 -11.25 32.57 -5.56
CA GLU B 220 -10.58 33.86 -5.48
C GLU B 220 -9.84 34.03 -4.16
N ALA B 221 -10.31 33.40 -3.09
CA ALA B 221 -9.54 33.38 -1.86
C ALA B 221 -8.10 32.94 -2.13
N LEU B 222 -7.95 31.75 -2.73
CA LEU B 222 -6.62 31.26 -3.06
C LEU B 222 -5.87 32.25 -3.95
N ASP B 223 -6.46 32.63 -5.09
CA ASP B 223 -5.79 33.55 -6.00
C ASP B 223 -5.31 34.81 -5.29
N ASP B 224 -6.13 35.34 -4.39
CA ASP B 224 -5.75 36.50 -3.59
C ASP B 224 -4.50 36.22 -2.77
N LEU B 225 -4.51 35.10 -2.02
CA LEU B 225 -3.40 34.75 -1.13
C LEU B 225 -2.11 34.48 -1.88
N LEU B 226 -2.16 33.68 -2.94
CA LEU B 226 -0.94 33.40 -3.70
C LEU B 226 -0.32 34.67 -4.27
N THR B 227 -1.13 35.68 -4.58
CA THR B 227 -0.54 36.91 -5.09
C THR B 227 0.18 37.66 -3.99
N ALA B 228 -0.44 37.76 -2.82
CA ALA B 228 0.27 38.31 -1.66
C ALA B 228 1.60 37.60 -1.49
N ILE B 229 1.55 36.28 -1.30
CA ILE B 229 2.75 35.48 -1.06
C ILE B 229 3.78 35.71 -2.16
N LYS B 230 3.41 35.48 -3.42
CA LYS B 230 4.41 35.59 -4.47
C LYS B 230 5.00 37.01 -4.52
N ASN B 231 4.24 38.01 -4.09
CA ASN B 231 4.79 39.37 -4.09
C ASN B 231 5.81 39.54 -2.96
N LYS B 232 5.44 39.12 -1.74
CA LYS B 232 6.36 39.15 -0.61
C LYS B 232 7.66 38.41 -0.94
N GLN B 233 7.56 37.24 -1.57
CA GLN B 233 8.75 36.48 -1.94
C GLN B 233 9.72 37.32 -2.79
N ASN B 234 9.20 37.99 -3.82
CA ASN B 234 10.03 38.86 -4.64
C ASN B 234 10.65 39.96 -3.80
N ASP B 235 9.82 40.64 -3.01
CA ASP B 235 10.32 41.62 -2.05
C ASP B 235 11.47 41.02 -1.25
N LEU B 236 11.19 39.92 -0.55
CA LEU B 236 12.15 39.35 0.38
C LEU B 236 13.41 38.88 -0.33
N GLN B 237 13.30 38.46 -1.59
CA GLN B 237 14.50 38.09 -2.33
C GLN B 237 15.41 39.29 -2.54
N ALA B 238 14.82 40.46 -2.80
CA ALA B 238 15.64 41.64 -2.99
C ALA B 238 16.19 42.13 -1.67
N MET B 239 15.40 41.99 -0.60
CA MET B 239 15.85 42.41 0.72
C MET B 239 17.07 41.61 1.17
N HIS B 240 16.99 40.27 1.08
CA HIS B 240 17.96 39.36 1.69
C HIS B 240 18.96 38.74 0.72
N HIS B 241 18.82 38.99 -0.58
CA HIS B 241 19.75 38.47 -1.58
C HIS B 241 19.80 36.95 -1.57
N LYS B 242 18.71 36.30 -1.21
CA LYS B 242 18.66 34.85 -1.09
C LYS B 242 17.41 34.33 -1.79
N TYR B 243 17.55 33.23 -2.50
CA TYR B 243 16.44 32.60 -3.21
C TYR B 243 15.80 31.52 -2.33
N VAL B 244 14.51 31.71 -2.00
CA VAL B 244 13.77 30.75 -1.17
C VAL B 244 12.49 30.30 -1.89
N PRO B 245 12.39 29.00 -2.31
CA PRO B 245 11.16 28.50 -2.92
C PRO B 245 9.97 28.47 -1.97
N ILE B 246 8.77 28.64 -2.53
CA ILE B 246 7.54 28.59 -1.70
C ILE B 246 6.67 27.46 -2.21
N ALA B 247 6.20 26.61 -1.30
CA ALA B 247 5.38 25.44 -1.68
C ALA B 247 4.05 25.48 -0.95
N VAL B 248 2.96 25.17 -1.64
CA VAL B 248 1.64 25.15 -1.00
C VAL B 248 1.28 23.70 -0.66
N LYS B 249 0.87 23.47 0.60
CA LYS B 249 0.40 22.15 1.03
C LYS B 249 -1.12 22.07 0.87
N ILE B 250 -1.60 21.08 0.13
CA ILE B 250 -3.03 20.94 -0.17
C ILE B 250 -3.59 19.75 0.59
N ALA B 251 -4.89 19.75 0.74
CA ALA B 251 -5.64 18.69 1.39
C ALA B 251 -5.96 17.57 0.40
N PRO B 252 -6.17 16.35 0.88
CA PRO B 252 -6.51 15.26 -0.04
C PRO B 252 -7.99 15.19 -0.40
N ASP B 253 -8.84 16.03 0.21
CA ASP B 253 -10.28 15.95 0.02
C ASP B 253 -10.81 16.94 -0.99
N LEU B 254 -9.99 17.38 -1.92
CA LEU B 254 -10.50 18.19 -3.01
C LEU B 254 -11.25 17.31 -4.01
N SER B 255 -12.29 17.90 -4.61
CA SER B 255 -12.94 17.31 -5.77
C SER B 255 -12.04 17.41 -6.98
N GLU B 256 -12.38 16.66 -8.02
CA GLU B 256 -11.61 16.75 -9.27
C GLU B 256 -11.63 18.17 -9.83
N GLU B 257 -12.78 18.85 -9.78
CA GLU B 257 -12.77 20.22 -10.27
C GLU B 257 -11.94 21.11 -9.36
N GLU B 258 -12.09 20.94 -8.04
CA GLU B 258 -11.31 21.74 -7.10
C GLU B 258 -9.82 21.58 -7.33
N LEU B 259 -9.39 20.33 -7.57
CA LEU B 259 -7.98 20.08 -7.81
C LEU B 259 -7.53 20.71 -9.12
N ILE B 260 -8.32 20.57 -10.18
CA ILE B 260 -7.99 21.25 -11.44
C ILE B 260 -7.84 22.75 -11.20
N GLN B 261 -8.76 23.34 -10.43
CA GLN B 261 -8.64 24.78 -10.19
C GLN B 261 -7.40 25.10 -9.38
N VAL B 262 -7.09 24.29 -8.37
CA VAL B 262 -5.90 24.55 -7.56
C VAL B 262 -4.65 24.45 -8.41
N ALA B 263 -4.51 23.36 -9.16
CA ALA B 263 -3.34 23.23 -10.02
C ALA B 263 -3.19 24.44 -10.92
N ASP B 264 -4.28 24.83 -11.59
CA ASP B 264 -4.20 25.99 -12.47
C ASP B 264 -3.70 27.21 -11.71
N SER B 265 -4.15 27.38 -10.47
CA SER B 265 -3.78 28.57 -9.72
C SER B 265 -2.30 28.60 -9.41
N LEU B 266 -1.75 27.51 -8.89
CA LEU B 266 -0.34 27.49 -8.56
C LEU B 266 0.50 27.85 -9.79
N VAL B 267 0.24 27.19 -10.92
CA VAL B 267 1.00 27.48 -12.13
C VAL B 267 0.92 28.96 -12.49
N ARG B 268 -0.27 29.55 -12.39
CA ARG B 268 -0.48 30.94 -12.80
C ARG B 268 0.26 31.93 -11.90
N HIS B 269 0.43 31.60 -10.63
CA HIS B 269 1.16 32.44 -9.69
C HIS B 269 2.60 32.00 -9.49
N ASN B 270 3.09 31.09 -10.34
CA ASN B 270 4.49 30.68 -10.36
C ASN B 270 4.95 30.18 -9.00
N ILE B 271 4.06 29.49 -8.28
CA ILE B 271 4.46 28.85 -7.04
C ILE B 271 5.46 27.74 -7.35
N ASP B 272 6.50 27.66 -6.53
CA ASP B 272 7.64 26.81 -6.84
C ASP B 272 7.30 25.33 -6.67
N GLY B 273 6.47 24.97 -5.70
CA GLY B 273 6.13 23.58 -5.51
C GLY B 273 4.81 23.39 -4.80
N VAL B 274 4.33 22.14 -4.83
CA VAL B 274 3.13 21.77 -4.10
C VAL B 274 3.38 20.53 -3.24
N ILE B 275 2.94 20.58 -2.00
CA ILE B 275 2.99 19.46 -1.07
C ILE B 275 1.63 18.79 -1.09
N ALA B 276 1.57 17.54 -1.56
CA ALA B 276 0.34 16.76 -1.63
C ALA B 276 0.57 15.42 -0.92
N THR B 277 -0.07 15.19 0.21
CA THR B 277 -1.22 15.93 0.70
C THR B 277 -1.25 15.94 2.22
N ASN B 278 -2.24 16.63 2.78
CA ASN B 278 -2.40 16.63 4.26
C ASN B 278 -3.29 15.46 4.69
N THR B 279 -3.91 15.59 5.85
CA THR B 279 -4.74 14.48 6.38
C THR B 279 -6.15 14.54 5.83
N THR B 280 -6.90 13.46 6.01
CA THR B 280 -8.23 13.39 5.35
C THR B 280 -9.40 13.23 6.30
N LEU B 281 -10.52 13.87 5.98
CA LEU B 281 -11.76 13.62 6.70
C LEU B 281 -12.34 12.26 6.40
N ASP B 282 -11.81 11.53 5.43
CA ASP B 282 -12.38 10.24 5.07
C ASP B 282 -12.15 9.22 6.17
N ARG B 283 -13.08 8.26 6.24
CA ARG B 283 -13.02 7.22 7.25
C ARG B 283 -13.45 5.89 6.67
N SER B 284 -13.54 5.79 5.33
CA SER B 284 -14.12 4.62 4.70
C SER B 284 -13.33 3.36 4.95
N LEU B 285 -12.03 3.47 5.25
CA LEU B 285 -11.18 2.31 5.36
C LEU B 285 -10.95 1.88 6.80
N VAL B 286 -11.62 2.52 7.77
CA VAL B 286 -11.31 2.27 9.17
C VAL B 286 -12.57 2.06 10.00
N GLN B 287 -13.74 1.99 9.34
CA GLN B 287 -14.98 1.73 10.06
C GLN B 287 -14.86 0.50 10.93
N GLY B 288 -15.47 0.56 12.10
CA GLY B 288 -15.36 -0.55 13.03
C GLY B 288 -14.08 -0.64 13.83
N MET B 289 -13.21 0.35 13.76
CA MET B 289 -11.98 0.39 14.53
C MET B 289 -12.09 1.47 15.59
N LYS B 290 -11.37 1.25 16.69
CA LYS B 290 -11.41 2.20 17.79
C LYS B 290 -10.89 3.56 17.34
N ASN B 291 -11.48 4.62 17.91
CA ASN B 291 -11.24 6.01 17.50
C ASN B 291 -11.58 6.34 16.04
N CYS B 292 -12.24 5.44 15.31
CA CYS B 292 -12.67 5.76 13.96
C CYS B 292 -13.54 7.01 13.93
N ASP B 293 -14.47 7.11 14.87
CA ASP B 293 -15.43 8.19 14.86
C ASP B 293 -14.86 9.51 15.36
N GLN B 294 -13.62 9.52 15.85
CA GLN B 294 -13.05 10.75 16.38
C GLN B 294 -12.91 11.82 15.30
N THR B 295 -13.04 13.06 15.70
CA THR B 295 -13.02 14.18 14.76
C THR B 295 -11.59 14.58 14.43
N GLY B 296 -11.30 14.79 13.15
CA GLY B 296 -9.97 15.24 12.80
C GLY B 296 -9.50 14.65 11.50
N GLY B 297 -8.18 14.61 11.31
CA GLY B 297 -7.58 14.16 10.07
C GLY B 297 -6.94 12.80 10.24
N LEU B 298 -7.33 11.89 9.35
CA LEU B 298 -6.75 10.57 9.31
C LEU B 298 -5.48 10.60 8.47
N SER B 299 -4.47 9.89 8.95
CA SER B 299 -3.16 9.84 8.31
C SER B 299 -2.70 8.39 8.37
N GLY B 300 -1.53 8.14 7.84
CA GLY B 300 -1.01 6.78 7.84
C GLY B 300 -1.54 5.94 6.69
N ARG B 301 -1.47 4.64 6.89
CA ARG B 301 -1.87 3.74 5.81
C ARG B 301 -3.29 4.00 5.27
N PRO B 302 -4.29 4.35 6.09
CA PRO B 302 -5.64 4.62 5.54
C PRO B 302 -5.72 5.85 4.69
N LEU B 303 -4.62 6.58 4.50
CA LEU B 303 -4.58 7.70 3.59
C LEU B 303 -3.69 7.43 2.41
N GLN B 304 -3.05 6.27 2.36
CA GLN B 304 -2.00 6.05 1.39
C GLN B 304 -2.54 6.13 -0.02
N LEU B 305 -3.59 5.35 -0.30
CA LEU B 305 -4.15 5.27 -1.65
C LEU B 305 -4.74 6.61 -2.07
N LYS B 306 -5.61 7.19 -1.24
CA LYS B 306 -6.19 8.50 -1.55
C LYS B 306 -5.10 9.50 -1.92
N SER B 307 -4.05 9.53 -1.10
CA SER B 307 -2.96 10.47 -1.32
C SER B 307 -2.27 10.22 -2.65
N THR B 308 -2.12 8.95 -3.04
CA THR B 308 -1.50 8.67 -4.32
C THR B 308 -2.41 9.11 -5.46
N GLU B 309 -3.71 8.83 -5.38
CA GLU B 309 -4.63 9.26 -6.43
C GLU B 309 -4.52 10.76 -6.64
N ILE B 310 -4.57 11.52 -5.53
CA ILE B 310 -4.52 12.97 -5.63
C ILE B 310 -3.29 13.37 -6.44
N ILE B 311 -2.12 12.87 -6.05
CA ILE B 311 -0.88 13.23 -6.72
C ILE B 311 -0.94 12.90 -8.21
N ARG B 312 -1.42 11.71 -8.56
CA ARG B 312 -1.46 11.33 -9.98
C ARG B 312 -2.29 12.32 -10.80
N ARG B 313 -3.45 12.69 -10.27
CA ARG B 313 -4.32 13.64 -10.96
C ARG B 313 -3.66 15.01 -11.01
N LEU B 314 -3.02 15.40 -9.91
CA LEU B 314 -2.29 16.66 -9.89
C LEU B 314 -1.17 16.65 -10.92
N SER B 315 -0.34 15.62 -10.89
CA SER B 315 0.72 15.50 -11.88
C SER B 315 0.15 15.64 -13.28
N LEU B 316 -0.93 14.92 -13.57
CA LEU B 316 -1.49 15.01 -14.90
C LEU B 316 -1.87 16.45 -15.21
N GLU B 317 -2.44 17.16 -14.22
CA GLU B 317 -2.80 18.56 -14.44
C GLU B 317 -1.57 19.45 -14.58
N LEU B 318 -0.63 19.35 -13.64
CA LEU B 318 0.54 20.23 -13.68
C LEU B 318 1.44 19.94 -14.86
N ASN B 319 1.44 18.71 -15.35
CA ASN B 319 2.23 18.31 -16.51
C ASN B 319 3.64 18.90 -16.46
N GLY B 320 4.34 18.62 -15.37
CA GLY B 320 5.73 19.02 -15.27
C GLY B 320 5.98 20.50 -15.05
N ARG B 321 4.94 21.31 -14.93
CA ARG B 321 5.15 22.74 -14.82
C ARG B 321 5.65 23.15 -13.43
N LEU B 322 5.33 22.36 -12.39
CA LEU B 322 5.95 22.61 -11.08
C LEU B 322 6.06 21.31 -10.30
N PRO B 323 7.09 21.17 -9.44
CA PRO B 323 7.30 19.93 -8.70
C PRO B 323 6.28 19.68 -7.61
N ILE B 324 6.17 18.40 -7.24
CA ILE B 324 5.25 17.89 -6.22
C ILE B 324 6.03 17.16 -5.14
N ILE B 325 5.73 17.45 -3.88
CA ILE B 325 6.30 16.73 -2.75
C ILE B 325 5.20 15.81 -2.23
N GLY B 326 5.35 14.52 -2.46
CA GLY B 326 4.30 13.60 -2.07
C GLY B 326 4.39 13.05 -0.66
N VAL B 327 3.39 13.36 0.17
CA VAL B 327 3.28 12.87 1.54
C VAL B 327 1.89 12.25 1.67
N GLY B 328 1.79 11.20 2.47
CA GLY B 328 0.51 10.57 2.67
C GLY B 328 0.54 9.05 2.70
N GLY B 329 0.63 8.48 3.90
CA GLY B 329 0.61 7.03 4.00
C GLY B 329 1.88 6.30 3.64
N ILE B 330 2.97 6.99 3.33
CA ILE B 330 4.17 6.29 2.89
C ILE B 330 4.76 5.52 4.06
N ASP B 331 4.86 4.19 3.91
CA ASP B 331 5.37 3.38 5.00
C ASP B 331 6.24 2.22 4.52
N SER B 332 6.90 2.38 3.37
CA SER B 332 7.78 1.37 2.81
C SER B 332 8.40 1.90 1.53
N VAL B 333 9.51 1.30 1.12
CA VAL B 333 10.14 1.66 -0.16
C VAL B 333 9.10 1.68 -1.27
N ILE B 334 8.40 0.57 -1.47
CA ILE B 334 7.50 0.49 -2.61
C ILE B 334 6.48 1.61 -2.58
N ALA B 335 5.95 1.92 -1.41
CA ALA B 335 4.93 2.96 -1.35
C ALA B 335 5.53 4.31 -1.71
N ALA B 336 6.73 4.58 -1.22
CA ALA B 336 7.47 5.76 -1.64
C ALA B 336 7.58 5.83 -3.16
N ARG B 337 8.11 4.74 -3.76
CA ARG B 337 8.21 4.67 -5.21
C ARG B 337 6.85 4.82 -5.89
N GLU B 338 5.76 4.38 -5.24
CA GLU B 338 4.44 4.61 -5.82
C GLU B 338 4.17 6.10 -5.98
N LYS B 339 4.47 6.90 -4.95
CA LYS B 339 4.31 8.34 -5.08
C LYS B 339 5.24 8.93 -6.14
N ILE B 340 6.46 8.39 -6.27
CA ILE B 340 7.34 8.83 -7.36
C ILE B 340 6.71 8.51 -8.72
N ALA B 341 6.24 7.28 -8.90
CA ALA B 341 5.61 6.94 -10.17
C ALA B 341 4.41 7.84 -10.44
N ALA B 342 3.65 8.21 -9.41
CA ALA B 342 2.47 9.04 -9.60
C ALA B 342 2.81 10.50 -9.89
N GLY B 343 4.07 10.91 -9.77
CA GLY B 343 4.39 12.25 -10.17
C GLY B 343 5.27 13.04 -9.23
N ALA B 344 5.52 12.52 -8.04
CA ALA B 344 6.22 13.32 -7.06
C ALA B 344 7.72 13.29 -7.30
N SER B 345 8.36 14.43 -7.02
CA SER B 345 9.82 14.51 -7.05
C SER B 345 10.46 14.25 -5.70
N LEU B 346 9.68 14.31 -4.63
CA LEU B 346 10.16 14.06 -3.28
C LEU B 346 9.02 13.42 -2.52
N VAL B 347 9.36 12.80 -1.39
CA VAL B 347 8.39 12.14 -0.53
C VAL B 347 8.64 12.64 0.89
N GLN B 348 7.59 12.60 1.70
CA GLN B 348 7.70 13.03 3.12
C GLN B 348 7.00 11.98 3.99
N ILE B 349 7.47 11.75 5.21
CA ILE B 349 6.88 10.70 6.09
C ILE B 349 6.55 11.27 7.47
N TYR B 350 5.46 10.79 8.07
CA TYR B 350 5.10 11.17 9.45
C TYR B 350 4.52 9.92 10.11
N SER B 351 3.31 9.53 9.74
CA SER B 351 2.70 8.40 10.43
C SER B 351 3.55 7.15 10.31
N GLY B 352 4.11 6.87 9.14
CA GLY B 352 4.91 5.68 8.97
C GLY B 352 6.18 5.72 9.79
N PHE B 353 6.65 6.94 10.09
CA PHE B 353 7.79 7.10 10.97
C PHE B 353 7.44 6.66 12.39
N ILE B 354 6.25 7.03 12.86
CA ILE B 354 5.81 6.55 14.16
C ILE B 354 5.71 5.03 14.17
N PHE B 355 5.09 4.45 13.13
CA PHE B 355 4.80 3.01 13.22
C PHE B 355 5.96 2.12 12.84
N LYS B 356 6.91 2.61 12.05
CA LYS B 356 8.04 1.80 11.66
C LYS B 356 9.37 2.32 12.16
N GLY B 357 9.42 3.55 12.67
CA GLY B 357 10.62 4.11 13.26
C GLY B 357 11.73 4.47 12.29
N PRO B 358 12.90 4.78 12.84
CA PRO B 358 14.05 5.21 12.02
C PRO B 358 14.38 4.24 10.90
N PRO B 359 14.26 2.93 11.13
CA PRO B 359 14.58 2.00 10.02
C PRO B 359 13.89 2.38 8.71
N LEU B 360 12.70 2.96 8.75
CA LEU B 360 12.02 3.34 7.51
C LEU B 360 12.83 4.39 6.76
N ILE B 361 13.43 5.32 7.50
CA ILE B 361 14.28 6.34 6.87
C ILE B 361 15.36 5.67 6.04
N LYS B 362 15.99 4.64 6.61
CA LYS B 362 17.10 3.98 5.94
C LYS B 362 16.62 3.15 4.76
N GLU B 363 15.59 2.32 4.96
CA GLU B 363 15.02 1.59 3.83
C GLU B 363 14.79 2.55 2.67
N ILE B 364 14.06 3.65 2.91
CA ILE B 364 13.58 4.46 1.82
C ILE B 364 14.74 5.15 1.11
N VAL B 365 15.57 5.88 1.86
CA VAL B 365 16.69 6.55 1.22
C VAL B 365 17.52 5.56 0.44
N THR B 366 17.78 4.39 1.03
CA THR B 366 18.67 3.44 0.38
C THR B 366 18.09 2.96 -0.93
N HIS B 367 16.80 2.64 -0.98
CA HIS B 367 16.27 1.88 -2.09
C HIS B 367 15.37 2.67 -3.01
N ILE B 368 15.04 3.90 -2.66
CA ILE B 368 14.10 4.68 -3.48
C ILE B 368 14.75 4.99 -4.81
C1 F2D C . 9.25 -18.52 -0.22
C2 F2D C . 9.53 -17.81 -1.36
C3 F2D C . 8.74 -18.00 -2.48
C4 F2D C . 7.67 -18.88 -2.49
C5 F2D C . 7.34 -19.61 -1.36
C6 F2D C . 8.11 -19.46 -0.20
C18 F2D C . 8.46 -20.08 2.06
C19 F2D C . 9.64 -19.18 2.20
C20 F2D C . 10.07 -18.36 1.03
C22 F2D C . 10.39 -19.10 3.49
C23 F2D C . 8.03 -20.93 3.24
C24 F2D C . 6.72 -20.41 3.77
C25 F2D C . 6.71 -19.53 4.77
C26 F2D C . 5.40 -19.02 5.30
C27 F2D C . 4.58 -20.19 5.84
C28 F2D C . 4.66 -20.15 7.36
C29 F2D C . 4.59 -21.54 7.98
C30 F2D C . 4.78 -21.55 9.50
C31 F2D C . 4.58 -20.18 10.13
N13 F2D C . 7.78 -20.17 0.90
O21 F2D C . 11.06 -17.59 1.10
P PO4 D . 6.24 -23.51 -5.30
O1 PO4 D . 5.57 -23.08 -6.59
O2 PO4 D . 5.29 -23.32 -4.15
O3 PO4 D . 7.48 -22.68 -5.02
O4 PO4 D . 6.62 -24.96 -5.50
N1 ORO E . 2.60 -18.87 -12.11
C2 ORO E . 1.65 -17.79 -12.09
O2 ORO E . 2.03 -16.46 -11.82
N3 ORO E . 0.34 -18.16 -12.37
C4 ORO E . -0.07 -19.47 -12.66
O4 ORO E . -1.34 -19.73 -12.95
C5 ORO E . 0.93 -20.49 -12.62
C6 ORO E . 2.22 -20.17 -12.43
C7 ORO E . 3.28 -21.19 -12.39
O71 ORO E . 4.28 -20.89 -13.24
O72 ORO E . 3.20 -22.09 -11.50
N1 FMN F . -1.45 -18.43 -9.19
C2 FMN F . -2.21 -19.42 -9.77
O2 FMN F . -3.33 -19.14 -10.15
N3 FMN F . -1.70 -20.69 -9.95
C4 FMN F . -0.42 -21.00 -9.51
O4 FMN F . 0.04 -22.14 -9.61
C4A FMN F . 0.36 -20.01 -8.92
N5 FMN F . 1.64 -20.29 -8.49
C5A FMN F . 2.38 -19.28 -7.91
C6 FMN F . 3.66 -19.56 -7.48
C7 FMN F . 4.44 -18.56 -6.92
C7M FMN F . 5.82 -18.90 -6.46
C8 FMN F . 3.91 -17.28 -6.75
C8M FMN F . 4.73 -16.21 -6.12
C9 FMN F . 2.62 -17.00 -7.18
C9A FMN F . 1.85 -18.01 -7.75
N10 FMN F . 0.58 -17.73 -8.20
C10 FMN F . -0.17 -18.72 -8.77
C1' FMN F . -0.05 -16.38 -8.08
C2' FMN F . -0.59 -16.26 -6.68
O2' FMN F . -1.70 -17.11 -6.48
C3' FMN F . -1.03 -14.82 -6.50
O3' FMN F . -2.11 -14.62 -7.37
C4' FMN F . -0.06 -13.74 -6.93
O4' FMN F . 1.23 -13.96 -6.40
C5' FMN F . -0.57 -12.38 -6.46
O5' FMN F . -0.88 -12.41 -5.09
P FMN F . 0.20 -11.98 -3.99
O1P FMN F . 1.40 -12.90 -4.05
O2P FMN F . 0.62 -10.56 -4.27
O3P FMN F . -0.37 -12.10 -2.59
C1 F2D G . 2.91 9.56 18.10
C2 F2D G . 1.68 9.86 17.54
C3 F2D G . 1.52 11.08 16.90
C4 F2D G . 2.56 12.01 16.79
C5 F2D G . 3.81 11.74 17.34
C6 F2D G . 4.02 10.54 18.00
C18 F2D G . 5.52 9.13 19.16
C19 F2D G . 4.52 8.06 19.34
C20 F2D G . 3.15 8.27 18.80
C22 F2D G . 4.85 6.78 20.05
C23 F2D G . 6.92 8.95 19.68
C24 F2D G . 7.84 9.13 18.49
C25 F2D G . 8.36 8.05 17.91
C26 F2D G . 9.28 8.15 16.71
C27 F2D G . 10.37 9.18 16.95
C28 F2D G . 11.74 8.52 16.81
C29 F2D G . 12.31 8.17 18.18
C30 F2D G . 13.58 7.34 18.04
C31 F2D G . 13.40 5.99 18.69
N13 F2D G . 5.23 10.27 18.51
O21 F2D G . 2.26 7.39 18.93
N1 ORO H . -3.58 18.82 11.01
C2 ORO H . -3.34 18.38 9.71
O2 ORO H . -3.73 17.11 9.32
N3 ORO H . -2.73 19.33 8.85
C4 ORO H . -2.24 20.60 9.24
O4 ORO H . -1.69 21.44 8.34
C5 ORO H . -2.48 20.96 10.62
C6 ORO H . -3.19 20.09 11.44
C7 ORO H . -3.51 20.33 12.86
O71 ORO H . -4.87 20.07 13.07
O72 ORO H . -2.64 20.56 13.69
N1 FMN I . 0.95 18.89 8.51
C2 FMN I . 1.27 20.23 8.41
O2 FMN I . 1.41 20.73 7.32
N3 FMN I . 1.45 21.00 9.54
C4 FMN I . 1.30 20.41 10.78
O4 FMN I . 1.46 21.10 11.80
C4A FMN I . 0.97 19.03 10.90
N5 FMN I . 0.81 18.42 12.12
C5A FMN I . 0.49 17.08 12.21
C6 FMN I . 0.32 16.47 13.44
C7 FMN I . -0.01 15.12 13.52
C7M FMN I . -0.18 14.47 14.88
C8 FMN I . -0.16 14.37 12.34
C8M FMN I . -0.50 12.91 12.37
C9 FMN I . 0.00 15.00 11.12
C9A FMN I . 0.33 16.34 11.06
N10 FMN I . 0.50 16.91 9.83
C10 FMN I . 0.81 18.26 9.74
C1' FMN I . 0.27 16.05 8.61
C2' FMN I . 1.49 15.33 8.09
O2' FMN I . 2.47 16.30 7.80
C3' FMN I . 1.15 14.61 6.81
O3' FMN I . 0.90 15.60 5.82
C4' FMN I . 0.01 13.59 6.99
C5' FMN I . 0.04 12.53 5.88
O5' FMN I . 1.31 11.92 5.87
P FMN I . 1.55 10.60 6.72
O1P FMN I . 2.88 9.99 6.32
O2P FMN I . 0.45 9.62 6.45
O3P FMN I . 1.55 10.97 8.18
#